data_8RKT
#
_entry.id   8RKT
#
_cell.length_a   1.00
_cell.length_b   1.00
_cell.length_c   1.00
_cell.angle_alpha   90.00
_cell.angle_beta   90.00
_cell.angle_gamma   90.00
#
_symmetry.space_group_name_H-M   'P 1'
#
loop_
_entity.id
_entity.type
_entity.pdbx_description
1 polymer sgRNA
2 polymer 'Non-target strand - LE'
3 polymer 'Target strand - LE'
4 polymer ShCas12k
5 polymer 'Small ribosomal subunit protein uS15'
6 polymer TniQ
7 non-polymer 'MAGNESIUM ION'
8 non-polymer 'ZINC ION'
9 water water
#
loop_
_entity_poly.entity_id
_entity_poly.type
_entity_poly.pdbx_seq_one_letter_code
_entity_poly.pdbx_strand_id
1 'polyribonucleotide'
;GGAUAUUAAUAGCGCCGCAAUUCAUGCUGCUUGCAGCCUCUGAAUUUUGUUAAAUGAGGGUUAGUUUGACUGUAUAAAUA
CAGUCUUGCUUUCUGACCCUGGUAGCUGCUCACCCUGAUGCUGCUGUCAAUAGACAGGAUAGGUGCGCUCCCAGCAAUAA
GGGCGCGGAUGUACUGCUGUAGUGGCUACUGAAUCACCCCCGAUCAAGGGGGAACCCUCCAAAAGGUGGGUUGAAAGGAG
AAGUCAUUUAAUAAGGCCACU
;
1
2 'polydeoxyribonucleotide'
;(DG)(DT)(DG)(DA)(DA)(DG)(DG)(DT)(DT)(DC)(DT)(DC)(DT)(DT)(DC)(DA)(DG)(DT)(DA)(DT)
(DT)(DA)(DA)(DT)(DA)(DA)(DG)(DG)(DC)(DC)(DA)(DC)(DT)(DG)(DT)(DT)(DA)(DA)(DA)(DA)
(DC)(DG)(DT)(DA)(DC)(DT)(DA)(DT)(DA)(DT)(DA)(DG)(DA)(DC)(DA)(DT)(DC)(DT)(DC)(DC)
(DA)(DC)(DA)(DA)(DA)(DA)(DG)(DG)
;
2
3 'polydeoxyribonucleotide'
;(DA)(DA)(DT)(DT)(DA)(DA)(DA)(DT)(DA)(DG)(DT)(DC)(DA)(DC)(DA)(DA)(DT)(DG)(DA)(DC)
(DA)(DT)(DT)(DA)(DA)(DT)(DC)(DT)(DG)(DT)(DC)(DA)(DC)(DC)(DG)(DA)(DC)(DG)(DA)(DC)
(DA)(DG)(DA)(DT)(DA)(DA)(DT)(DT)(DT)(DG)(DT)(DC)(DA)(DC)(DT)(DG)(DT)(DA)(DC)(DA)
(DC)(DT)(DA)(DC)(DG)(DC)(DC)(DT)(DT)(DT)(DT)(DG)(DT)(DG)(DG)(DA)(DG)(DA)(DT)(DG)
(DT)(DC)(DT)(DA)(DA)(DT)(DA)(DT)(DC)(DT)(DA)(DC)(DG)(DT)(DT)(DT)(DT)(DA)(DA)(DC)
(DA)(DG)(DT)(DG)(DG)(DC)(DC)(DT)(DT)(DA)(DT)(DT)(DA)(DA)(DA)(DT)(DG)(DA)(DC)(DT)
(DT)(DC)(DT)(DC)(DA)(DA)(DC)(DC)(DT)(DT)(DC)(DA)(DC)
;
3
4 'polypeptide(L)'
;MGSSHHHHHHSSGLVPRGSHMASWSHPQFEKGGGSGGGSGGSAWSHPQFEKENLYFQGGSSQITIQARLISFESNRQQLW
KLMADLNTPLINELLCQLGQHPDFEKWQQKGKLPSTVVSQLCQPLKTDPRFAGQPSRLYMSAIHIVDYIYKSWLAIQKRL
QQQLDGKTRWLEMLNSDAELVELSGDTLEAIRVKAAEILAIAMPASESDSASPKGKKGKKEKKPSSSSPKRSLSKTLFDA
YQETEDIKSRSAISYLLKNGCKLTDKEEDSEKFAKRRRQVEIQIQRLTEKLISRMPKGRDLTNAKWLETLLTATTTVAED
NAQAKRWQDILLTRSSSLPFPLVFETNEDMVWSKNQKGRLCVHFNGLSDLIFEVYCGNRQLHWFQRFLEDQQTKRKSKNQ
HSSGLFTLRNGHLVWLEGEGKGEPWNLHHLTLYCCVDNRLWTEEGTEIVRQEKADEITKFITNMKKKSDLSDTQQALIQR
KQSTLTRINNSFERPSQPLYQGQSHILVGVSLGLEKPATVAVVDAIANKVLAYRSIKQLLGDNYELLNRQRRQQQYLSHE
RHKAQKNFSPNQFGASELGQHIDRLLAKAIVALARTYKAGSIVLPKLGDMREVVQSEIQAIAEQKFPGYIEGQQKYAKQY
RVNVHRWSYGRLIQSIQSKAAQTGIVIEEGKQPIRGSPHDKAKELALSAYNLRLTRRS
;
A
5 'polypeptide(L)'
;SMALTQERKQEIIVNYQVHETDTGSADVQVAMLTERINRLSLHLQANKKDHSSRRGLLKLIGQRKRLLAYIQKDSREKYQ
ALIGRLGIRG
;
B
6 'polypeptide(L)'
;MIEAPDVKPWLFLIKPYEGESLSHFLGRFRRANHLSASGLGTLAGIGAIVARWERFHFNPRPSQQELEAIASVVEVDAQR
LAQMLPPAGVGMQHEPIRLCGACYAESPCHRIEWQYKSVWKCDRHQLKILAKCPNCQAPFKMPALWEDGCCHRCRMPFAE
MAKLQKVGSEFELENLYFQ
;
C
#
loop_
_chem_comp.id
_chem_comp.type
_chem_comp.name
_chem_comp.formula
A RNA linking ADENOSINE-5'-MONOPHOSPHATE 'C10 H14 N5 O7 P'
C RNA linking CYTIDINE-5'-MONOPHOSPHATE 'C9 H14 N3 O8 P'
DA DNA linking 2'-DEOXYADENOSINE-5'-MONOPHOSPHATE 'C10 H14 N5 O6 P'
DC DNA linking 2'-DEOXYCYTIDINE-5'-MONOPHOSPHATE 'C9 H14 N3 O7 P'
DG DNA linking 2'-DEOXYGUANOSINE-5'-MONOPHOSPHATE 'C10 H14 N5 O7 P'
DT DNA linking THYMIDINE-5'-MONOPHOSPHATE 'C10 H15 N2 O8 P'
G RNA linking GUANOSINE-5'-MONOPHOSPHATE 'C10 H14 N5 O8 P'
MG non-polymer 'MAGNESIUM ION' 'Mg 2'
U RNA linking URIDINE-5'-MONOPHOSPHATE 'C9 H13 N2 O9 P'
ZN non-polymer 'ZINC ION' 'Zn 2'
#
# COMPACT_ATOMS: atom_id res chain seq x y z
N SER D 60 2.63 -26.77 -6.52
CA SER D 60 3.53 -25.69 -6.89
C SER D 60 4.75 -26.19 -7.66
N SER D 61 4.52 -26.86 -8.78
CA SER D 61 5.58 -27.48 -9.55
C SER D 61 6.17 -26.57 -10.62
N GLN D 62 5.55 -25.43 -10.91
CA GLN D 62 6.15 -24.45 -11.80
C GLN D 62 7.28 -23.69 -11.10
N ILE D 63 8.42 -23.59 -11.77
CA ILE D 63 9.55 -22.81 -11.30
C ILE D 63 10.16 -22.05 -12.47
N THR D 64 10.92 -21.02 -12.15
CA THR D 64 11.67 -20.24 -13.13
C THR D 64 13.15 -20.59 -13.10
N ILE D 65 13.72 -20.78 -14.28
CA ILE D 65 15.16 -20.78 -14.47
C ILE D 65 15.51 -19.66 -15.44
N GLN D 66 16.72 -19.13 -15.33
CA GLN D 66 17.10 -17.93 -16.07
C GLN D 66 18.49 -18.08 -16.66
N ALA D 67 18.75 -17.28 -17.70
CA ALA D 67 20.06 -17.16 -18.31
C ALA D 67 20.24 -15.75 -18.86
N ARG D 68 21.49 -15.31 -18.91
CA ARG D 68 21.86 -14.15 -19.71
C ARG D 68 21.73 -14.48 -21.20
N LEU D 69 21.17 -13.54 -21.96
CA LEU D 69 21.19 -13.59 -23.41
C LEU D 69 22.20 -12.59 -23.98
N ILE D 70 23.11 -13.11 -24.80
CA ILE D 70 24.20 -12.33 -25.38
C ILE D 70 24.00 -12.26 -26.89
N SER D 71 24.22 -11.08 -27.45
CA SER D 71 24.20 -10.91 -28.90
C SER D 71 24.96 -9.64 -29.25
N PHE D 72 25.27 -9.49 -30.54
CA PHE D 72 25.90 -8.27 -30.99
C PHE D 72 24.96 -7.07 -30.90
N GLU D 73 25.59 -5.89 -30.86
CA GLU D 73 24.92 -4.66 -30.43
C GLU D 73 23.70 -4.32 -31.26
N SER D 74 23.76 -4.52 -32.59
CA SER D 74 22.61 -4.14 -33.41
C SER D 74 21.38 -5.00 -33.12
N ASN D 75 21.55 -6.24 -32.70
CA ASN D 75 20.40 -7.03 -32.27
C ASN D 75 19.81 -6.49 -30.97
N ARG D 76 20.66 -6.18 -30.01
CA ARG D 76 20.21 -5.61 -28.74
C ARG D 76 19.57 -4.23 -28.91
N GLN D 77 20.16 -3.37 -29.74
CA GLN D 77 19.57 -2.06 -30.00
C GLN D 77 18.20 -2.17 -30.66
N GLN D 78 18.07 -3.04 -31.66
CA GLN D 78 16.78 -3.24 -32.32
C GLN D 78 15.71 -3.74 -31.36
N LEU D 79 16.06 -4.69 -30.50
CA LEU D 79 15.10 -5.17 -29.51
C LEU D 79 14.73 -4.11 -28.48
N TRP D 80 15.71 -3.38 -27.97
CA TRP D 80 15.41 -2.30 -27.03
C TRP D 80 14.45 -1.27 -27.63
N LYS D 81 14.69 -0.86 -28.86
CA LYS D 81 13.81 0.12 -29.51
C LYS D 81 12.41 -0.43 -29.79
N LEU D 82 12.28 -1.70 -30.16
CA LEU D 82 10.97 -2.32 -30.23
C LEU D 82 10.25 -2.27 -28.88
N MET D 83 10.95 -2.59 -27.81
CA MET D 83 10.34 -2.66 -26.49
C MET D 83 10.04 -1.26 -25.93
N ALA D 84 11.04 -0.37 -25.94
CA ALA D 84 10.90 0.93 -25.30
C ALA D 84 10.08 1.92 -26.13
N ASP D 85 10.24 1.93 -27.44
CA ASP D 85 9.58 2.93 -28.27
C ASP D 85 8.20 2.53 -28.76
N LEU D 86 7.89 1.24 -28.82
CA LEU D 86 6.61 0.78 -29.36
C LEU D 86 5.81 -0.06 -28.38
N ASN D 87 6.42 -1.09 -27.78
CA ASN D 87 5.65 -2.06 -27.01
C ASN D 87 5.18 -1.48 -25.68
N THR D 88 6.07 -0.83 -24.95
CA THR D 88 5.72 -0.21 -23.67
C THR D 88 4.75 0.97 -23.83
N PRO D 89 4.96 1.88 -24.79
CA PRO D 89 3.90 2.85 -25.11
C PRO D 89 2.56 2.24 -25.45
N LEU D 90 2.55 1.12 -26.17
CA LEU D 90 1.29 0.41 -26.42
C LEU D 90 0.65 -0.11 -25.14
N ILE D 91 1.45 -0.73 -24.27
CA ILE D 91 0.94 -1.18 -22.97
C ILE D 91 0.35 0.00 -22.18
N ASN D 92 1.07 1.12 -22.14
CA ASN D 92 0.56 2.31 -21.47
C ASN D 92 -0.77 2.76 -22.05
N GLU D 93 -0.87 2.81 -23.37
CA GLU D 93 -2.12 3.19 -24.03
C GLU D 93 -3.25 2.21 -23.73
N LEU D 94 -2.96 0.92 -23.72
CA LEU D 94 -3.98 -0.07 -23.38
C LEU D 94 -4.45 0.08 -21.93
N LEU D 95 -3.53 0.28 -21.00
CA LEU D 95 -3.92 0.55 -19.61
C LEU D 95 -4.79 1.80 -19.47
N CYS D 96 -4.45 2.86 -20.21
CA CYS D 96 -5.25 4.09 -20.16
C CYS D 96 -6.65 3.88 -20.71
N GLN D 97 -6.77 3.31 -21.91
CA GLN D 97 -8.07 3.03 -22.51
C GLN D 97 -8.90 2.05 -21.69
N LEU D 98 -8.26 1.02 -21.13
CA LEU D 98 -9.00 0.02 -20.37
C LEU D 98 -9.58 0.60 -19.09
N GLY D 99 -8.86 1.51 -18.43
CA GLY D 99 -9.36 2.20 -17.25
C GLY D 99 -10.44 3.22 -17.51
N GLN D 100 -10.72 3.54 -18.78
CA GLN D 100 -11.80 4.46 -19.16
C GLN D 100 -12.99 3.74 -19.76
N HIS D 101 -12.95 2.43 -19.89
CA HIS D 101 -14.00 1.69 -20.58
C HIS D 101 -15.32 1.80 -19.80
N PRO D 102 -16.43 2.01 -20.51
CA PRO D 102 -17.75 2.10 -19.84
C PRO D 102 -18.14 0.90 -18.99
N ASP D 103 -17.57 -0.28 -19.22
CA ASP D 103 -17.84 -1.43 -18.36
C ASP D 103 -16.87 -1.54 -17.18
N PHE D 104 -15.92 -0.61 -17.06
CA PHE D 104 -14.91 -0.72 -16.02
C PHE D 104 -15.53 -0.86 -14.63
N GLU D 105 -16.58 -0.09 -14.35
CA GLU D 105 -17.24 -0.15 -13.05
C GLU D 105 -18.00 -1.46 -12.82
N LYS D 106 -18.46 -2.13 -13.86
CA LYS D 106 -19.07 -3.45 -13.66
C LYS D 106 -18.04 -4.57 -13.62
N TRP D 107 -16.87 -4.38 -14.23
CA TRP D 107 -15.76 -5.31 -14.02
C TRP D 107 -15.31 -5.32 -12.58
N GLN D 108 -15.28 -4.17 -11.92
CA GLN D 108 -14.97 -4.12 -10.50
C GLN D 108 -16.00 -4.87 -9.65
N GLN D 109 -17.26 -4.87 -10.07
CA GLN D 109 -18.27 -5.60 -9.31
C GLN D 109 -18.18 -7.11 -9.52
N LYS D 110 -17.99 -7.55 -10.76
CA LYS D 110 -17.71 -8.97 -11.00
C LYS D 110 -16.35 -9.38 -10.45
N GLY D 111 -15.38 -8.46 -10.42
CA GLY D 111 -14.02 -8.84 -10.12
C GLY D 111 -13.34 -9.63 -11.21
N LYS D 112 -13.89 -9.59 -12.43
CA LYS D 112 -13.42 -10.37 -13.56
C LYS D 112 -13.36 -9.47 -14.78
N LEU D 113 -12.28 -9.58 -15.53
CA LEU D 113 -12.23 -8.91 -16.83
C LEU D 113 -12.78 -9.83 -17.92
N PRO D 114 -13.53 -9.29 -18.88
CA PRO D 114 -13.86 -10.08 -20.07
C PRO D 114 -12.61 -10.63 -20.75
N SER D 115 -12.76 -11.84 -21.29
CA SER D 115 -11.62 -12.59 -21.81
C SER D 115 -10.96 -11.90 -23.00
N THR D 116 -11.70 -11.09 -23.75
CA THR D 116 -11.25 -10.57 -25.04
C THR D 116 -11.13 -9.05 -25.12
N VAL D 117 -11.52 -8.30 -24.10
CA VAL D 117 -11.62 -6.85 -24.25
C VAL D 117 -10.26 -6.18 -24.50
N VAL D 118 -9.17 -6.71 -23.94
CA VAL D 118 -7.85 -6.15 -24.23
C VAL D 118 -7.44 -6.43 -25.68
N SER D 119 -7.69 -7.64 -26.17
CA SER D 119 -7.43 -7.96 -27.57
C SER D 119 -8.21 -7.07 -28.53
N GLN D 120 -9.47 -6.78 -28.21
CA GLN D 120 -10.28 -5.91 -29.06
C GLN D 120 -9.79 -4.47 -29.05
N LEU D 121 -9.39 -3.95 -27.90
CA LEU D 121 -8.80 -2.61 -27.85
C LEU D 121 -7.48 -2.52 -28.60
N CYS D 122 -6.69 -3.60 -28.61
CA CYS D 122 -5.40 -3.57 -29.28
C CYS D 122 -5.49 -3.61 -30.80
N GLN D 123 -6.52 -4.25 -31.35
CA GLN D 123 -6.67 -4.36 -32.81
C GLN D 123 -6.55 -3.05 -33.56
N PRO D 124 -7.31 -1.99 -33.25
CA PRO D 124 -7.10 -0.72 -33.97
C PRO D 124 -5.77 -0.05 -33.65
N LEU D 125 -5.16 -0.36 -32.51
CA LEU D 125 -3.85 0.20 -32.17
C LEU D 125 -2.69 -0.43 -32.93
N LYS D 126 -2.85 -1.69 -33.38
CA LYS D 126 -1.81 -2.37 -34.16
C LYS D 126 -1.47 -1.68 -35.47
N THR D 127 -2.29 -0.73 -35.94
CA THR D 127 -1.99 0.05 -37.12
C THR D 127 -2.01 1.55 -36.85
N ASP D 128 -1.98 1.95 -35.59
CA ASP D 128 -1.74 3.33 -35.22
C ASP D 128 -0.26 3.64 -35.38
N PRO D 129 0.10 4.74 -36.03
CA PRO D 129 1.52 5.09 -36.23
C PRO D 129 2.37 5.10 -34.97
N ARG D 130 1.75 5.23 -33.80
CA ARG D 130 2.50 5.15 -32.55
C ARG D 130 2.97 3.73 -32.24
N PHE D 131 2.33 2.71 -32.78
CA PHE D 131 2.53 1.33 -32.34
C PHE D 131 2.69 0.33 -33.49
N ALA D 132 2.62 0.76 -34.75
CA ALA D 132 2.42 -0.14 -35.88
C ALA D 132 3.62 -1.03 -36.20
N GLY D 133 4.81 -0.72 -35.71
CA GLY D 133 6.00 -1.40 -36.19
C GLY D 133 6.38 -2.75 -35.61
N GLN D 134 5.47 -3.45 -34.92
CA GLN D 134 5.86 -4.57 -34.08
C GLN D 134 5.48 -5.91 -34.72
N PRO D 135 6.24 -6.97 -34.43
CA PRO D 135 5.78 -8.33 -34.74
C PRO D 135 4.50 -8.69 -34.00
N SER D 136 3.77 -9.65 -34.60
CA SER D 136 2.50 -10.10 -34.03
C SER D 136 2.61 -10.58 -32.58
N ARG D 137 3.69 -11.29 -32.25
CA ARG D 137 3.88 -11.76 -30.88
C ARG D 137 4.22 -10.64 -29.90
N LEU D 138 4.70 -9.50 -30.37
CA LEU D 138 4.89 -8.38 -29.44
C LEU D 138 3.58 -7.68 -29.09
N TYR D 139 2.66 -7.56 -30.05
CA TYR D 139 1.31 -7.14 -29.73
C TYR D 139 0.66 -8.12 -28.77
N MET D 140 0.79 -9.40 -29.05
CA MET D 140 0.25 -10.43 -28.16
C MET D 140 0.83 -10.32 -26.76
N SER D 141 2.14 -10.05 -26.65
CA SER D 141 2.77 -9.85 -25.36
C SER D 141 2.19 -8.66 -24.62
N ALA D 142 2.02 -7.53 -25.30
CA ALA D 142 1.39 -6.36 -24.70
C ALA D 142 -0.02 -6.68 -24.21
N ILE D 143 -0.80 -7.41 -25.00
CA ILE D 143 -2.12 -7.85 -24.57
C ILE D 143 -2.03 -8.67 -23.28
N HIS D 144 -1.14 -9.66 -23.24
CA HIS D 144 -0.99 -10.48 -22.04
C HIS D 144 -0.57 -9.67 -20.81
N ILE D 145 0.35 -8.73 -20.99
CA ILE D 145 0.76 -7.88 -19.87
C ILE D 145 -0.44 -7.13 -19.30
N VAL D 146 -1.19 -6.45 -20.16
CA VAL D 146 -2.31 -5.62 -19.73
C VAL D 146 -3.43 -6.48 -19.13
N ASP D 147 -3.75 -7.60 -19.79
CA ASP D 147 -4.80 -8.49 -19.30
C ASP D 147 -4.50 -9.04 -17.91
N TYR D 148 -3.26 -9.45 -17.65
CA TYR D 148 -2.89 -9.98 -16.34
C TYR D 148 -2.85 -8.90 -15.26
N ILE D 149 -2.43 -7.69 -15.61
CA ILE D 149 -2.49 -6.57 -14.67
C ILE D 149 -3.91 -6.36 -14.15
N TYR D 150 -4.89 -6.28 -15.05
CA TYR D 150 -6.26 -6.07 -14.59
C TYR D 150 -6.88 -7.31 -13.97
N LYS D 151 -6.55 -8.51 -14.46
CA LYS D 151 -6.97 -9.72 -13.75
C LYS D 151 -6.48 -9.72 -12.31
N SER D 152 -5.26 -9.26 -12.08
CA SER D 152 -4.74 -9.06 -10.74
C SER D 152 -5.51 -7.99 -9.97
N TRP D 153 -5.59 -6.78 -10.53
CA TRP D 153 -6.18 -5.65 -9.82
C TRP D 153 -7.66 -5.84 -9.53
N LEU D 154 -8.42 -6.37 -10.49
CA LEU D 154 -9.84 -6.62 -10.25
C LEU D 154 -10.06 -7.73 -9.22
N ALA D 155 -9.19 -8.73 -9.16
CA ALA D 155 -9.28 -9.73 -8.11
C ALA D 155 -8.98 -9.15 -6.73
N ILE D 156 -8.00 -8.25 -6.63
CA ILE D 156 -7.72 -7.59 -5.35
C ILE D 156 -8.91 -6.77 -4.87
N GLN D 157 -9.43 -5.90 -5.72
CA GLN D 157 -10.54 -5.04 -5.33
C GLN D 157 -11.78 -5.85 -4.94
N LYS D 158 -12.09 -6.90 -5.71
CA LYS D 158 -13.23 -7.76 -5.38
C LYS D 158 -13.13 -8.36 -3.98
N ARG D 159 -11.99 -8.95 -3.64
CA ARG D 159 -11.84 -9.52 -2.30
C ARG D 159 -11.90 -8.47 -1.20
N LEU D 160 -11.23 -7.34 -1.39
CA LEU D 160 -11.32 -6.26 -0.41
C LEU D 160 -12.76 -5.81 -0.19
N GLN D 161 -13.53 -5.69 -1.27
CA GLN D 161 -14.94 -5.30 -1.14
C GLN D 161 -15.72 -6.35 -0.35
N GLN D 162 -15.49 -7.63 -0.61
CA GLN D 162 -16.14 -8.68 0.16
C GLN D 162 -15.74 -8.63 1.63
N GLN D 163 -14.48 -8.34 1.92
CA GLN D 163 -14.04 -8.17 3.30
C GLN D 163 -14.74 -6.99 3.97
N LEU D 164 -14.88 -5.89 3.27
CA LEU D 164 -15.57 -4.73 3.83
C LEU D 164 -17.05 -5.02 4.11
N ASP D 165 -17.73 -5.69 3.17
CA ASP D 165 -19.12 -6.08 3.39
C ASP D 165 -19.26 -7.09 4.53
N GLY D 166 -18.38 -8.09 4.58
CA GLY D 166 -18.43 -9.06 5.66
C GLY D 166 -18.25 -8.49 7.05
N LYS D 167 -17.25 -7.63 7.22
CA LYS D 167 -17.03 -6.99 8.53
C LYS D 167 -18.06 -5.93 8.87
N THR D 168 -18.64 -5.26 7.87
CA THR D 168 -19.74 -4.34 8.15
C THR D 168 -20.97 -5.07 8.69
N ARG D 169 -21.28 -6.26 8.17
CA ARG D 169 -22.30 -7.09 8.78
C ARG D 169 -21.95 -7.52 10.19
N TRP D 170 -20.70 -7.96 10.40
CA TRP D 170 -20.27 -8.34 11.76
C TRP D 170 -20.37 -7.19 12.75
N LEU D 171 -19.99 -5.98 12.34
CA LEU D 171 -20.13 -4.83 13.24
C LEU D 171 -21.58 -4.59 13.65
N GLU D 172 -22.53 -4.84 12.75
CA GLU D 172 -23.94 -4.72 13.11
C GLU D 172 -24.38 -5.79 14.11
N MET D 173 -23.99 -7.04 13.89
CA MET D 173 -24.40 -8.14 14.76
C MET D 173 -23.48 -8.38 15.96
N LEU D 174 -22.43 -7.58 16.15
CA LEU D 174 -21.65 -7.59 17.38
C LEU D 174 -22.29 -6.66 18.40
N ASN D 175 -23.14 -7.22 19.26
CA ASN D 175 -23.79 -6.46 20.34
C ASN D 175 -23.37 -7.00 21.70
N SER D 176 -23.10 -6.08 22.63
CA SER D 176 -22.82 -6.46 24.02
C SER D 176 -24.05 -7.04 24.69
N ASP D 177 -23.81 -7.83 25.75
CA ASP D 177 -24.91 -8.42 26.52
C ASP D 177 -25.87 -7.38 27.07
N ALA D 178 -25.37 -6.20 27.45
CA ALA D 178 -26.27 -5.11 27.80
C ALA D 178 -27.12 -4.68 26.61
N GLU D 179 -26.55 -4.71 25.41
CA GLU D 179 -27.33 -4.42 24.21
C GLU D 179 -28.19 -5.61 23.79
N LEU D 180 -27.65 -6.82 23.94
CA LEU D 180 -28.39 -8.04 23.62
C LEU D 180 -29.61 -8.25 24.51
N VAL D 181 -29.54 -7.82 25.78
CA VAL D 181 -30.73 -7.88 26.64
C VAL D 181 -31.86 -7.02 26.08
N GLU D 182 -31.57 -5.76 25.75
CA GLU D 182 -32.60 -4.91 25.16
C GLU D 182 -33.07 -5.42 23.80
N LEU D 183 -32.13 -5.74 22.91
CA LEU D 183 -32.51 -6.12 21.55
C LEU D 183 -33.14 -7.49 21.45
N SER D 184 -32.88 -8.40 22.40
CA SER D 184 -33.65 -9.63 22.44
C SER D 184 -34.95 -9.48 23.24
N GLY D 185 -34.96 -8.62 24.26
CA GLY D 185 -36.04 -8.62 25.22
C GLY D 185 -36.06 -9.80 26.17
N ASP D 186 -34.98 -10.57 26.22
CA ASP D 186 -34.92 -11.79 27.02
C ASP D 186 -33.76 -11.69 28.00
N THR D 187 -33.88 -12.38 29.12
CA THR D 187 -32.79 -12.46 30.07
C THR D 187 -31.65 -13.28 29.47
N LEU D 188 -30.43 -13.03 29.94
CA LEU D 188 -29.25 -13.68 29.39
C LEU D 188 -29.38 -15.19 29.41
N GLU D 189 -29.92 -15.75 30.49
CA GLU D 189 -30.17 -17.19 30.53
C GLU D 189 -31.16 -17.63 29.47
N ALA D 190 -32.13 -16.79 29.13
CA ALA D 190 -33.10 -17.15 28.10
C ALA D 190 -32.49 -17.17 26.71
N ILE D 191 -31.68 -16.17 26.37
CA ILE D 191 -30.94 -16.21 25.11
C ILE D 191 -29.85 -17.28 25.11
N ARG D 192 -29.25 -17.57 26.26
CA ARG D 192 -28.31 -18.70 26.34
C ARG D 192 -28.97 -20.02 26.00
N VAL D 193 -30.19 -20.26 26.52
CA VAL D 193 -30.94 -21.45 26.14
C VAL D 193 -31.31 -21.42 24.65
N LYS D 194 -31.76 -20.27 24.15
CA LYS D 194 -32.11 -20.18 22.73
C LYS D 194 -30.90 -20.38 21.83
N ALA D 195 -29.73 -19.91 22.26
CA ALA D 195 -28.50 -20.20 21.53
C ALA D 195 -28.17 -21.69 21.57
N ALA D 196 -28.41 -22.34 22.70
CA ALA D 196 -28.22 -23.79 22.79
C ALA D 196 -29.13 -24.55 21.83
N GLU D 197 -30.36 -24.08 21.64
CA GLU D 197 -31.22 -24.68 20.61
C GLU D 197 -30.71 -24.43 19.20
N ILE D 198 -30.36 -23.17 18.89
CA ILE D 198 -29.94 -22.84 17.53
C ILE D 198 -28.63 -23.54 17.17
N LEU D 199 -27.72 -23.67 18.13
CA LEU D 199 -26.53 -24.49 17.91
C LEU D 199 -26.88 -25.95 17.63
N ALA D 200 -27.84 -26.50 18.37
CA ALA D 200 -28.31 -27.87 18.15
C ALA D 200 -28.99 -28.07 16.79
N ILE D 201 -29.38 -27.00 16.11
CA ILE D 201 -29.93 -27.11 14.77
C ILE D 201 -28.86 -26.89 13.70
N ALA D 202 -27.95 -25.95 13.94
CA ALA D 202 -26.91 -25.63 12.96
C ALA D 202 -25.81 -26.69 12.91
N MET D 203 -25.79 -27.62 13.84
CA MET D 203 -24.78 -28.69 13.87
C MET D 203 -24.72 -29.47 12.57
N SER D 232 -18.26 -25.55 8.87
CA SER D 232 -19.36 -24.82 8.25
C SER D 232 -20.29 -24.22 9.31
N LEU D 233 -20.07 -24.60 10.57
CA LEU D 233 -20.95 -24.13 11.64
C LEU D 233 -21.00 -22.60 11.69
N SER D 234 -19.84 -21.95 11.56
CA SER D 234 -19.80 -20.49 11.54
C SER D 234 -20.64 -19.91 10.40
N LYS D 235 -20.36 -20.36 9.16
CA LYS D 235 -21.15 -19.92 8.02
C LYS D 235 -22.63 -20.25 8.19
N THR D 236 -22.93 -21.43 8.75
CA THR D 236 -24.32 -21.82 8.96
C THR D 236 -25.03 -20.86 9.91
N LEU D 237 -24.33 -20.37 10.93
CA LEU D 237 -24.88 -19.34 11.80
C LEU D 237 -24.99 -17.99 11.10
N PHE D 238 -24.01 -17.64 10.27
CA PHE D 238 -24.13 -16.43 9.46
C PHE D 238 -25.28 -16.54 8.45
N ASP D 239 -25.49 -17.72 7.88
CA ASP D 239 -26.69 -17.95 7.07
C ASP D 239 -27.96 -17.84 7.90
N ALA D 240 -27.96 -18.46 9.09
CA ALA D 240 -29.13 -18.41 9.96
C ALA D 240 -29.47 -16.99 10.41
N TYR D 241 -28.46 -16.14 10.61
CA TYR D 241 -28.72 -14.78 11.10
C TYR D 241 -29.54 -13.96 10.12
N GLN D 242 -29.19 -13.98 8.83
CA GLN D 242 -29.65 -12.94 7.92
C GLN D 242 -31.17 -12.92 7.78
N GLU D 243 -31.78 -14.05 7.43
CA GLU D 243 -33.21 -14.08 7.15
C GLU D 243 -34.09 -14.33 8.37
N THR D 244 -33.51 -14.73 9.50
CA THR D 244 -34.26 -14.83 10.76
C THR D 244 -34.42 -13.43 11.35
N GLU D 245 -35.54 -12.78 11.03
CA GLU D 245 -35.83 -11.46 11.59
C GLU D 245 -36.31 -11.50 13.03
N ASP D 246 -36.61 -12.69 13.56
CA ASP D 246 -36.92 -12.87 14.98
C ASP D 246 -35.74 -12.44 15.85
N ILE D 247 -35.89 -11.28 16.51
CA ILE D 247 -34.81 -10.68 17.29
C ILE D 247 -34.30 -11.56 18.43
N LYS D 248 -35.11 -12.49 18.94
CA LYS D 248 -34.59 -13.43 19.94
C LYS D 248 -33.57 -14.37 19.32
N SER D 249 -33.97 -15.11 18.29
CA SER D 249 -33.04 -16.00 17.60
C SER D 249 -31.88 -15.22 16.98
N ARG D 250 -32.20 -14.07 16.38
CA ARG D 250 -31.18 -13.20 15.82
C ARG D 250 -30.16 -12.75 16.88
N SER D 251 -30.63 -12.42 18.09
CA SER D 251 -29.73 -12.09 19.19
C SER D 251 -29.00 -13.32 19.71
N ALA D 252 -29.69 -14.45 19.79
CA ALA D 252 -29.03 -15.69 20.20
C ALA D 252 -27.90 -16.08 19.25
N ILE D 253 -28.12 -15.95 17.95
CA ILE D 253 -27.02 -16.16 16.99
C ILE D 253 -25.89 -15.17 17.22
N SER D 254 -26.24 -13.89 17.46
CA SER D 254 -25.21 -12.90 17.78
C SER D 254 -24.41 -13.30 19.01
N TYR D 255 -25.09 -13.72 20.08
CA TYR D 255 -24.40 -14.21 21.26
C TYR D 255 -23.56 -15.44 20.96
N LEU D 256 -24.09 -16.36 20.18
CA LEU D 256 -23.38 -17.58 19.81
C LEU D 256 -22.16 -17.29 18.95
N LEU D 257 -22.28 -16.36 18.00
CA LEU D 257 -21.12 -15.98 17.19
C LEU D 257 -20.06 -15.21 17.98
N LYS D 258 -20.47 -14.31 18.87
CA LYS D 258 -19.50 -13.60 19.70
C LYS D 258 -18.51 -14.52 20.40
N ASN D 259 -18.95 -15.72 20.78
CA ASN D 259 -18.13 -16.65 21.54
C ASN D 259 -17.38 -17.66 20.67
N GLY D 260 -17.37 -17.47 19.36
CA GLY D 260 -16.75 -18.43 18.49
C GLY D 260 -17.60 -19.64 18.20
N CYS D 261 -18.90 -19.42 17.96
CA CYS D 261 -19.87 -20.45 17.60
C CYS D 261 -20.11 -21.46 18.73
N LYS D 262 -20.19 -20.96 19.96
CA LYS D 262 -20.34 -21.88 21.09
C LYS D 262 -20.94 -21.13 22.28
N LEU D 263 -21.44 -21.91 23.23
CA LEU D 263 -21.94 -21.37 24.49
C LEU D 263 -20.79 -20.97 25.41
N THR D 264 -21.03 -19.95 26.23
CA THR D 264 -20.12 -19.59 27.30
C THR D 264 -20.91 -19.16 28.53
N ASP D 265 -20.49 -19.63 29.69
CA ASP D 265 -21.12 -19.24 30.96
C ASP D 265 -20.60 -17.93 31.51
N LYS D 266 -19.33 -17.61 31.29
CA LYS D 266 -18.71 -16.45 31.93
C LYS D 266 -19.24 -15.11 31.42
N GLU D 267 -19.17 -14.13 32.30
CA GLU D 267 -19.62 -12.75 32.05
C GLU D 267 -18.68 -12.02 31.08
N GLU D 268 -19.28 -11.09 30.33
CA GLU D 268 -18.56 -10.27 29.36
C GLU D 268 -17.86 -9.11 30.06
N ASP D 269 -16.53 -9.04 29.90
CA ASP D 269 -15.74 -7.92 30.41
C ASP D 269 -15.97 -6.72 29.50
N SER D 270 -16.68 -5.72 30.01
CA SER D 270 -17.20 -4.63 29.19
C SER D 270 -16.11 -3.83 28.47
N GLU D 271 -14.91 -3.73 29.05
CA GLU D 271 -13.84 -3.02 28.35
C GLU D 271 -13.16 -3.86 27.28
N LYS D 272 -13.03 -5.16 27.50
CA LYS D 272 -12.55 -6.04 26.42
C LYS D 272 -13.55 -6.15 25.28
N PHE D 273 -14.86 -6.10 25.55
CA PHE D 273 -15.81 -5.98 24.45
C PHE D 273 -15.70 -4.66 23.71
N ALA D 274 -15.67 -3.54 24.43
CA ALA D 274 -15.57 -2.24 23.78
C ALA D 274 -14.31 -2.13 22.92
N LYS D 275 -13.21 -2.70 23.38
CA LYS D 275 -12.00 -2.82 22.57
C LYS D 275 -12.21 -3.70 21.34
N ARG D 276 -12.85 -4.85 21.51
CA ARG D 276 -13.11 -5.73 20.37
C ARG D 276 -14.07 -5.09 19.35
N ARG D 277 -15.05 -4.33 19.80
CA ARG D 277 -15.83 -3.52 18.87
C ARG D 277 -14.98 -2.48 18.15
N ARG D 278 -14.14 -1.77 18.89
CA ARG D 278 -13.29 -0.74 18.28
C ARG D 278 -12.33 -1.30 17.24
N GLN D 279 -11.78 -2.49 17.48
CA GLN D 279 -10.96 -3.16 16.46
C GLN D 279 -11.70 -3.32 15.14
N VAL D 280 -12.96 -3.72 15.19
CA VAL D 280 -13.74 -3.91 13.97
C VAL D 280 -13.97 -2.60 13.24
N GLU D 281 -14.22 -1.51 13.97
CA GLU D 281 -14.34 -0.20 13.34
C GLU D 281 -13.05 0.22 12.64
N ILE D 282 -11.90 -0.02 13.27
CA ILE D 282 -10.62 0.28 12.66
C ILE D 282 -10.40 -0.57 11.40
N GLN D 283 -10.70 -1.87 11.49
CA GLN D 283 -10.61 -2.74 10.33
C GLN D 283 -11.50 -2.30 9.19
N ILE D 284 -12.75 -1.95 9.47
CA ILE D 284 -13.64 -1.41 8.44
C ILE D 284 -13.06 -0.14 7.83
N GLN D 285 -12.56 0.78 8.66
CA GLN D 285 -11.97 2.00 8.14
C GLN D 285 -10.75 1.72 7.26
N ARG D 286 -9.85 0.86 7.72
CA ARG D 286 -8.65 0.53 6.96
C ARG D 286 -8.98 -0.23 5.66
N LEU D 287 -10.00 -1.08 5.66
CA LEU D 287 -10.50 -1.65 4.41
C LEU D 287 -11.10 -0.60 3.49
N THR D 288 -11.89 0.30 4.04
CA THR D 288 -12.45 1.41 3.25
C THR D 288 -11.35 2.26 2.61
N GLU D 289 -10.26 2.51 3.34
CA GLU D 289 -9.15 3.27 2.77
C GLU D 289 -8.38 2.48 1.70
N LYS D 290 -8.14 1.19 1.93
CA LYS D 290 -7.48 0.36 0.92
C LYS D 290 -8.27 0.26 -0.39
N LEU D 291 -9.59 0.35 -0.34
CA LEU D 291 -10.43 0.38 -1.54
C LEU D 291 -10.37 1.69 -2.32
N ILE D 292 -9.56 2.66 -1.91
CA ILE D 292 -9.27 3.86 -2.72
C ILE D 292 -7.94 3.69 -3.45
N SER D 293 -7.63 2.45 -3.83
CA SER D 293 -6.43 2.17 -4.62
C SER D 293 -6.44 2.87 -5.97
N ARG D 294 -5.25 3.28 -6.42
CA ARG D 294 -5.06 3.83 -7.75
C ARG D 294 -5.25 2.77 -8.84
N MET D 295 -5.69 3.23 -10.01
CA MET D 295 -5.58 2.43 -11.22
C MET D 295 -4.13 2.22 -11.65
N PRO D 296 -3.82 1.04 -12.22
CA PRO D 296 -2.45 0.73 -12.67
C PRO D 296 -1.79 1.78 -13.54
N LYS D 297 -0.62 2.25 -13.11
CA LYS D 297 -0.05 3.51 -13.58
C LYS D 297 0.74 3.43 -14.90
N GLY D 298 1.20 2.26 -15.32
CA GLY D 298 2.04 2.17 -16.50
C GLY D 298 3.49 2.58 -16.29
N ARG D 299 4.22 2.66 -17.40
CA ARG D 299 5.66 2.99 -17.39
C ARG D 299 5.96 3.97 -18.53
N ASP D 300 5.92 5.26 -18.23
CA ASP D 300 6.39 6.27 -19.18
C ASP D 300 7.92 6.33 -19.11
N LEU D 301 8.59 5.92 -20.18
CA LEU D 301 10.05 5.93 -20.21
C LEU D 301 10.62 7.26 -20.69
N THR D 302 9.81 8.10 -21.34
CA THR D 302 10.27 9.42 -21.75
C THR D 302 10.20 10.42 -20.61
N ASN D 303 9.20 10.28 -19.74
CA ASN D 303 8.96 11.20 -18.63
C ASN D 303 8.68 12.61 -19.12
N ALA D 304 7.96 12.71 -20.24
CA ALA D 304 7.66 14.01 -20.82
C ALA D 304 6.86 14.87 -19.86
N LYS D 305 5.96 14.26 -19.09
CA LYS D 305 5.17 14.98 -18.09
C LYS D 305 6.02 15.66 -17.03
N TRP D 306 7.16 15.06 -16.68
CA TRP D 306 8.03 15.68 -15.68
C TRP D 306 8.66 16.96 -16.21
N LEU D 307 9.20 16.92 -17.43
CA LEU D 307 9.87 18.09 -17.97
C LEU D 307 8.88 19.22 -18.27
N GLU D 308 7.73 18.91 -18.85
CA GLU D 308 6.74 19.96 -19.09
C GLU D 308 6.16 20.52 -17.80
N THR D 309 6.03 19.70 -16.75
CA THR D 309 5.62 20.21 -15.45
C THR D 309 6.69 21.12 -14.85
N LEU D 310 7.96 20.75 -14.99
CA LEU D 310 9.04 21.61 -14.52
C LEU D 310 9.00 22.97 -15.19
N LEU D 311 8.84 23.00 -16.52
CA LEU D 311 8.74 24.27 -17.23
C LEU D 311 7.51 25.06 -16.81
N THR D 312 6.39 24.37 -16.55
CA THR D 312 5.18 25.03 -16.10
C THR D 312 5.36 25.64 -14.70
N ALA D 313 5.80 24.83 -13.74
CA ALA D 313 5.91 25.27 -12.37
C ALA D 313 6.93 26.39 -12.19
N THR D 314 7.93 26.47 -13.05
CA THR D 314 8.94 27.52 -12.94
C THR D 314 8.56 28.83 -13.60
N THR D 315 7.63 28.83 -14.56
CA THR D 315 7.29 30.04 -15.30
C THR D 315 5.86 30.50 -15.10
N THR D 316 5.03 29.75 -14.39
CA THR D 316 3.61 30.04 -14.24
C THR D 316 3.28 30.25 -12.78
N VAL D 317 2.41 31.22 -12.51
CA VAL D 317 1.80 31.33 -11.19
C VAL D 317 0.83 30.17 -10.99
N ALA D 318 0.96 29.48 -9.87
CA ALA D 318 -0.02 28.50 -9.49
C ALA D 318 -1.33 29.20 -9.12
N GLU D 319 -2.44 28.69 -9.66
CA GLU D 319 -3.74 29.30 -9.41
C GLU D 319 -4.13 29.17 -7.95
N ASP D 320 -3.71 28.12 -7.27
CA ASP D 320 -3.94 27.94 -5.85
C ASP D 320 -2.92 26.97 -5.29
N ASN D 321 -3.07 26.62 -4.02
CA ASN D 321 -2.17 25.65 -3.39
C ASN D 321 -2.34 24.25 -3.95
N ALA D 322 -3.54 23.89 -4.40
CA ALA D 322 -3.76 22.53 -4.87
C ALA D 322 -3.11 22.26 -6.22
N GLN D 323 -3.04 23.25 -7.10
CA GLN D 323 -2.26 23.11 -8.33
C GLN D 323 -0.77 22.95 -8.04
N ALA D 324 -0.23 23.83 -7.20
CA ALA D 324 1.17 23.74 -6.80
C ALA D 324 1.49 22.41 -6.12
N LYS D 325 0.56 21.86 -5.35
CA LYS D 325 0.78 20.55 -4.74
C LYS D 325 0.81 19.45 -5.79
N ARG D 326 -0.15 19.47 -6.72
CA ARG D 326 -0.12 18.55 -7.86
C ARG D 326 1.16 18.70 -8.68
N TRP D 327 1.66 19.92 -8.88
CA TRP D 327 2.96 20.08 -9.54
C TRP D 327 4.08 19.40 -8.76
N GLN D 328 4.15 19.63 -7.46
CA GLN D 328 5.15 18.98 -6.62
C GLN D 328 5.06 17.46 -6.70
N ASP D 329 3.85 16.91 -6.63
CA ASP D 329 3.66 15.46 -6.69
C ASP D 329 4.20 14.87 -7.99
N ILE D 330 4.04 15.58 -9.10
CA ILE D 330 4.63 15.15 -10.36
C ILE D 330 6.16 15.27 -10.32
N LEU D 331 6.66 16.42 -9.87
CA LEU D 331 8.10 16.66 -9.87
C LEU D 331 8.87 15.67 -8.99
N LEU D 332 8.25 15.16 -7.93
CA LEU D 332 8.90 14.15 -7.10
C LEU D 332 8.81 12.74 -7.68
N THR D 333 7.91 12.50 -8.63
CA THR D 333 7.73 11.17 -9.20
C THR D 333 8.98 10.71 -9.95
N ARG D 334 9.46 9.52 -9.63
CA ARG D 334 10.67 8.99 -10.22
C ARG D 334 10.41 8.39 -11.60
N SER D 335 11.39 8.54 -12.50
CA SER D 335 11.31 8.02 -13.85
C SER D 335 11.48 6.50 -13.93
N SER D 336 10.60 5.83 -14.69
CA SER D 336 10.80 4.43 -15.03
C SER D 336 11.93 4.29 -16.07
N SER D 337 12.96 3.54 -15.72
CA SER D 337 14.05 3.26 -16.65
C SER D 337 13.70 2.21 -17.70
N LEU D 338 13.04 1.11 -17.30
CA LEU D 338 13.00 -0.12 -18.08
C LEU D 338 11.64 -0.39 -18.69
N PRO D 339 11.59 -0.83 -19.95
CA PRO D 339 10.32 -1.26 -20.54
C PRO D 339 9.75 -2.49 -19.85
N PHE D 340 8.46 -2.69 -20.04
CA PHE D 340 7.83 -3.96 -19.69
C PHE D 340 8.52 -5.11 -20.41
N PRO D 341 8.72 -6.24 -19.75
CA PRO D 341 9.24 -7.42 -20.44
C PRO D 341 8.28 -7.94 -21.50
N LEU D 342 8.83 -8.71 -22.43
CA LEU D 342 8.02 -9.50 -23.35
C LEU D 342 7.65 -10.85 -22.74
N VAL D 343 6.46 -11.32 -23.07
CA VAL D 343 5.92 -12.59 -22.60
C VAL D 343 5.64 -13.47 -23.80
N PHE D 344 6.17 -14.68 -23.78
CA PHE D 344 5.95 -15.67 -24.83
C PHE D 344 5.22 -16.87 -24.25
N GLU D 345 3.89 -16.86 -24.30
CA GLU D 345 3.08 -17.95 -23.78
C GLU D 345 3.11 -19.21 -24.64
N THR D 346 3.59 -19.13 -25.88
CA THR D 346 3.82 -20.32 -26.69
C THR D 346 5.28 -20.74 -26.55
N ASN D 347 5.50 -21.91 -25.93
CA ASN D 347 6.87 -22.38 -25.69
C ASN D 347 7.64 -22.56 -26.99
N GLU D 348 6.96 -22.95 -28.07
CA GLU D 348 7.59 -23.08 -29.38
C GLU D 348 7.80 -21.75 -30.09
N ASP D 349 7.43 -20.62 -29.51
CA ASP D 349 7.87 -19.35 -30.04
C ASP D 349 9.29 -18.99 -29.61
N MET D 350 9.89 -19.80 -28.75
CA MET D 350 11.33 -19.82 -28.56
C MET D 350 11.91 -21.00 -29.33
N VAL D 351 12.73 -20.71 -30.33
CA VAL D 351 13.30 -21.74 -31.20
C VAL D 351 14.77 -21.88 -30.83
N TRP D 352 15.13 -23.07 -30.33
CA TRP D 352 16.46 -23.36 -29.84
C TRP D 352 17.35 -23.95 -30.92
N SER D 353 18.65 -23.70 -30.78
CA SER D 353 19.64 -24.25 -31.69
C SER D 353 20.98 -24.26 -30.98
N LYS D 354 21.94 -24.98 -31.56
CA LYS D 354 23.33 -24.95 -31.12
C LYS D 354 24.19 -24.40 -32.25
N ASN D 355 24.93 -23.33 -31.97
CA ASN D 355 25.82 -22.77 -32.98
C ASN D 355 27.05 -23.66 -33.18
N GLN D 356 27.86 -23.31 -34.18
CA GLN D 356 29.06 -24.10 -34.48
C GLN D 356 30.11 -24.03 -33.39
N LYS D 357 30.11 -22.97 -32.58
CA LYS D 357 30.93 -22.91 -31.38
C LYS D 357 30.31 -23.69 -30.22
N GLY D 358 29.23 -24.41 -30.47
CA GLY D 358 28.64 -25.33 -29.51
C GLY D 358 27.77 -24.71 -28.45
N ARG D 359 27.48 -23.41 -28.54
CA ARG D 359 26.64 -22.75 -27.55
C ARG D 359 25.17 -22.86 -27.93
N LEU D 360 24.33 -23.14 -26.94
CA LEU D 360 22.89 -23.05 -27.13
C LEU D 360 22.49 -21.63 -27.51
N CYS D 361 21.60 -21.53 -28.50
CA CYS D 361 21.10 -20.26 -28.99
C CYS D 361 19.58 -20.31 -29.06
N VAL D 362 18.97 -19.14 -29.02
CA VAL D 362 17.53 -19.00 -29.12
C VAL D 362 17.21 -17.80 -30.00
N HIS D 363 16.13 -17.91 -30.78
CA HIS D 363 15.47 -16.76 -31.38
C HIS D 363 13.97 -16.85 -31.16
N PHE D 364 13.31 -15.71 -31.25
CA PHE D 364 11.90 -15.56 -30.92
C PHE D 364 11.06 -15.33 -32.16
N ASN D 365 9.88 -15.93 -32.18
CA ASN D 365 8.92 -15.80 -33.28
C ASN D 365 8.67 -14.34 -33.61
N GLY D 366 8.94 -13.99 -34.87
CA GLY D 366 8.84 -12.63 -35.38
C GLY D 366 10.15 -11.89 -35.42
N LEU D 367 11.20 -12.45 -34.83
CA LEU D 367 12.52 -11.84 -34.70
C LEU D 367 13.63 -12.85 -34.95
N SER D 368 13.38 -13.82 -35.84
CA SER D 368 14.35 -14.88 -36.11
C SER D 368 15.71 -14.38 -36.57
N ASP D 369 15.78 -13.20 -37.18
CA ASP D 369 17.09 -12.65 -37.53
C ASP D 369 17.95 -12.32 -36.31
N LEU D 370 17.35 -12.09 -35.14
CA LEU D 370 18.13 -11.82 -33.92
C LEU D 370 18.39 -13.14 -33.21
N ILE D 371 19.59 -13.68 -33.38
CA ILE D 371 20.04 -14.85 -32.63
C ILE D 371 20.64 -14.38 -31.32
N PHE D 372 20.15 -14.91 -30.21
CA PHE D 372 20.72 -14.68 -28.89
C PHE D 372 21.40 -15.93 -28.39
N GLU D 373 22.58 -15.76 -27.81
CA GLU D 373 23.34 -16.86 -27.23
C GLU D 373 23.06 -17.00 -25.75
N VAL D 374 22.86 -18.24 -25.32
CA VAL D 374 22.54 -18.56 -23.93
C VAL D 374 23.81 -18.64 -23.10
N TYR D 375 23.86 -17.84 -22.03
CA TYR D 375 24.94 -17.81 -21.06
C TYR D 375 24.37 -18.10 -19.68
N CYS D 376 24.54 -19.33 -19.21
CA CYS D 376 23.86 -19.83 -18.04
C CYS D 376 24.85 -20.53 -17.12
N GLY D 377 24.46 -20.64 -15.86
CA GLY D 377 25.13 -21.56 -14.95
C GLY D 377 24.83 -23.00 -15.30
N ASN D 378 25.83 -23.86 -15.06
CA ASN D 378 25.66 -25.29 -15.29
C ASN D 378 24.51 -25.87 -14.47
N ARG D 379 24.26 -25.31 -13.29
CA ARG D 379 23.13 -25.72 -12.46
C ARG D 379 21.78 -25.53 -13.14
N GLN D 380 21.71 -24.74 -14.21
CA GLN D 380 20.52 -24.63 -15.03
C GLN D 380 20.68 -25.18 -16.45
N LEU D 381 21.91 -25.45 -16.89
CA LEU D 381 22.18 -25.83 -18.27
C LEU D 381 21.35 -27.03 -18.72
N HIS D 382 21.16 -28.02 -17.85
CA HIS D 382 20.36 -29.20 -18.18
C HIS D 382 18.92 -28.87 -18.58
N TRP D 383 18.34 -27.78 -18.07
CA TRP D 383 17.04 -27.33 -18.57
C TRP D 383 17.12 -26.78 -19.98
N PHE D 384 18.08 -25.90 -20.26
CA PHE D 384 18.20 -25.34 -21.61
C PHE D 384 18.58 -26.37 -22.65
N GLN D 385 19.38 -27.37 -22.28
CA GLN D 385 19.62 -28.51 -23.14
C GLN D 385 18.35 -29.31 -23.40
N ARG D 386 17.52 -29.48 -22.36
CA ARG D 386 16.24 -30.15 -22.53
C ARG D 386 15.32 -29.43 -23.52
N PHE D 387 15.33 -28.11 -23.52
CA PHE D 387 14.49 -27.35 -24.45
C PHE D 387 14.83 -27.65 -25.91
N LEU D 388 16.12 -27.77 -26.23
CA LEU D 388 16.51 -28.22 -27.56
C LEU D 388 16.12 -29.68 -27.82
N GLU D 389 16.36 -30.57 -26.88
CA GLU D 389 15.99 -31.97 -27.06
C GLU D 389 14.48 -32.17 -27.25
N ASP D 390 13.66 -31.44 -26.51
CA ASP D 390 12.21 -31.49 -26.71
C ASP D 390 11.82 -30.97 -28.09
N GLN D 391 12.44 -29.86 -28.51
CA GLN D 391 12.18 -29.33 -29.85
C GLN D 391 12.58 -30.30 -30.95
N GLN D 392 13.75 -30.92 -30.83
CA GLN D 392 14.22 -31.88 -31.82
C GLN D 392 13.38 -33.16 -31.83
N THR D 393 12.91 -33.61 -30.68
CA THR D 393 12.06 -34.80 -30.62
C THR D 393 10.78 -34.63 -31.42
N LYS D 394 10.11 -33.48 -31.30
CA LYS D 394 8.87 -33.27 -32.03
C LYS D 394 9.10 -33.01 -33.52
N ARG D 395 10.24 -32.43 -33.90
CA ARG D 395 10.57 -32.34 -35.31
C ARG D 395 10.90 -33.70 -35.92
N LYS D 396 11.62 -34.56 -35.20
CA LYS D 396 11.91 -35.89 -35.72
C LYS D 396 10.63 -36.71 -35.89
N SER D 397 9.64 -36.54 -35.02
CA SER D 397 8.37 -37.23 -35.15
C SER D 397 7.37 -36.48 -36.03
N LYS D 398 7.82 -35.45 -36.75
CA LYS D 398 6.98 -34.69 -37.67
C LYS D 398 5.74 -34.11 -36.96
N ASN D 399 5.95 -33.63 -35.74
CA ASN D 399 4.92 -33.07 -34.86
C ASN D 399 3.92 -34.10 -34.34
N GLN D 400 4.26 -35.38 -34.34
CA GLN D 400 3.40 -36.35 -33.66
C GLN D 400 3.52 -36.31 -32.14
N HIS D 401 4.53 -35.64 -31.59
CA HIS D 401 4.51 -35.29 -30.18
C HIS D 401 3.75 -34.00 -29.96
N SER D 402 3.32 -33.79 -28.71
CA SER D 402 2.64 -32.57 -28.31
C SER D 402 3.60 -31.68 -27.52
N SER D 403 3.66 -30.40 -27.89
CA SER D 403 4.32 -29.40 -27.04
C SER D 403 3.58 -29.12 -25.74
N GLY D 404 2.38 -29.69 -25.57
CA GLY D 404 1.72 -29.74 -24.27
C GLY D 404 2.51 -30.48 -23.20
N LEU D 405 3.45 -31.33 -23.59
CA LEU D 405 4.37 -31.97 -22.66
C LEU D 405 5.81 -31.49 -22.79
N PHE D 406 6.05 -30.41 -23.53
CA PHE D 406 7.36 -29.77 -23.49
C PHE D 406 7.67 -29.25 -22.09
N THR D 407 8.89 -29.53 -21.63
CA THR D 407 9.31 -29.12 -20.29
C THR D 407 9.23 -27.61 -20.12
N LEU D 408 9.60 -26.87 -21.16
CA LEU D 408 9.40 -25.43 -21.21
C LEU D 408 7.91 -25.07 -21.33
N ARG D 409 7.46 -24.17 -20.47
CA ARG D 409 6.08 -23.71 -20.44
C ARG D 409 5.89 -22.34 -21.08
N ASN D 410 6.68 -21.35 -20.67
CA ASN D 410 6.64 -20.02 -21.27
C ASN D 410 7.96 -19.32 -20.99
N GLY D 411 8.17 -18.19 -21.66
CA GLY D 411 9.34 -17.36 -21.41
C GLY D 411 8.98 -15.91 -21.19
N HIS D 412 9.74 -15.25 -20.30
CA HIS D 412 9.75 -13.80 -20.20
C HIS D 412 11.11 -13.28 -20.63
N LEU D 413 11.11 -12.24 -21.44
CA LEU D 413 12.33 -11.60 -21.91
C LEU D 413 12.46 -10.22 -21.27
N VAL D 414 13.51 -10.04 -20.47
CA VAL D 414 13.59 -8.94 -19.51
C VAL D 414 14.93 -8.25 -19.70
N TRP D 415 14.94 -6.92 -19.59
CA TRP D 415 16.17 -6.17 -19.40
C TRP D 415 16.43 -6.00 -17.91
N LEU D 416 17.56 -6.49 -17.43
CA LEU D 416 18.01 -6.23 -16.07
C LEU D 416 18.81 -4.93 -16.01
N GLU D 417 18.49 -4.09 -15.03
CA GLU D 417 19.15 -2.81 -14.90
C GLU D 417 20.65 -2.98 -14.67
N GLY D 418 21.45 -2.38 -15.54
CA GLY D 418 22.89 -2.43 -15.39
C GLY D 418 23.39 -1.28 -14.53
N GLU D 419 24.50 -1.53 -13.83
CA GLU D 419 25.22 -0.45 -13.18
C GLU D 419 26.06 0.33 -14.19
N GLY D 420 26.29 1.60 -13.87
CA GLY D 420 27.14 2.46 -14.68
C GLY D 420 26.42 3.26 -15.76
N LYS D 421 27.05 3.42 -16.91
CA LYS D 421 26.54 4.31 -17.95
C LYS D 421 26.68 3.65 -19.32
N GLY D 422 25.87 4.12 -20.25
CA GLY D 422 25.94 3.66 -21.63
C GLY D 422 24.59 3.87 -22.30
N GLU D 423 24.56 3.52 -23.58
CA GLU D 423 23.27 3.33 -24.22
C GLU D 423 22.53 2.18 -23.56
N PRO D 424 21.22 2.26 -23.42
CA PRO D 424 20.50 1.30 -22.56
C PRO D 424 20.61 -0.13 -23.05
N TRP D 425 20.66 -0.37 -24.36
CA TRP D 425 20.89 -1.70 -24.89
C TRP D 425 22.30 -2.22 -24.62
N ASN D 426 23.23 -1.35 -24.27
CA ASN D 426 24.55 -1.77 -23.82
C ASN D 426 24.65 -1.82 -22.30
N LEU D 427 24.08 -0.82 -21.62
CA LEU D 427 24.13 -0.78 -20.16
C LEU D 427 23.38 -1.97 -19.54
N HIS D 428 22.13 -2.16 -19.94
CA HIS D 428 21.30 -3.19 -19.34
C HIS D 428 21.54 -4.56 -19.96
N HIS D 429 21.31 -5.60 -19.16
CA HIS D 429 21.64 -6.97 -19.53
C HIS D 429 20.36 -7.73 -19.87
N LEU D 430 20.28 -8.23 -21.08
CA LEU D 430 19.12 -8.98 -21.54
C LEU D 430 19.10 -10.36 -20.90
N THR D 431 17.96 -10.71 -20.29
CA THR D 431 17.82 -11.92 -19.48
C THR D 431 16.54 -12.62 -19.91
N LEU D 432 16.61 -13.94 -20.09
CA LEU D 432 15.45 -14.77 -20.36
C LEU D 432 15.08 -15.56 -19.12
N TYR D 433 13.82 -15.46 -18.72
CA TYR D 433 13.27 -16.25 -17.64
C TYR D 433 12.32 -17.29 -18.23
N CYS D 434 12.62 -18.56 -18.01
CA CYS D 434 11.81 -19.66 -18.50
C CYS D 434 11.06 -20.30 -17.35
N CYS D 435 9.74 -20.40 -17.48
CA CYS D 435 8.97 -21.28 -16.61
C CYS D 435 9.07 -22.72 -17.12
N VAL D 436 9.36 -23.63 -16.21
CA VAL D 436 9.31 -25.07 -16.46
C VAL D 436 8.40 -25.68 -15.41
N ASP D 437 7.78 -26.81 -15.75
CA ASP D 437 7.11 -27.65 -14.77
C ASP D 437 8.08 -28.78 -14.41
N ASN D 438 8.44 -28.84 -13.13
CA ASN D 438 9.45 -29.80 -12.66
C ASN D 438 9.03 -31.24 -12.86
N ARG D 439 7.72 -31.52 -12.91
CA ARG D 439 7.26 -32.88 -13.16
C ARG D 439 7.64 -33.39 -14.54
N LEU D 440 7.66 -32.51 -15.54
CA LEU D 440 8.04 -32.88 -16.90
C LEU D 440 9.49 -33.27 -17.06
N TRP D 441 10.34 -33.10 -16.03
CA TRP D 441 11.69 -33.63 -16.14
C TRP D 441 11.71 -35.15 -16.25
N THR D 442 11.00 -35.83 -15.37
CA THR D 442 11.05 -37.29 -15.34
C THR D 442 9.93 -37.87 -16.20
N GLU D 443 10.09 -39.16 -16.55
CA GLU D 443 9.04 -39.89 -17.24
C GLU D 443 7.83 -40.14 -16.37
N GLU D 444 8.04 -40.49 -15.09
CA GLU D 444 6.92 -40.71 -14.18
C GLU D 444 6.13 -39.43 -13.94
N GLY D 445 6.82 -38.32 -13.70
CA GLY D 445 6.14 -37.04 -13.61
C GLY D 445 5.47 -36.57 -14.87
N THR D 446 6.04 -36.89 -16.03
CA THR D 446 5.36 -36.60 -17.30
C THR D 446 4.06 -37.37 -17.44
N GLU D 447 4.03 -38.64 -16.99
CA GLU D 447 2.76 -39.37 -16.97
C GLU D 447 1.73 -38.72 -16.05
N ILE D 448 2.16 -38.17 -14.92
CA ILE D 448 1.25 -37.40 -14.07
C ILE D 448 0.66 -36.22 -14.83
N VAL D 449 1.51 -35.45 -15.49
CA VAL D 449 1.04 -34.30 -16.27
C VAL D 449 0.16 -34.73 -17.44
N ARG D 450 0.53 -35.84 -18.10
CA ARG D 450 -0.28 -36.32 -19.22
C ARG D 450 -1.71 -36.63 -18.81
N GLN D 451 -1.91 -37.31 -17.68
CA GLN D 451 -3.26 -37.60 -17.23
C GLN D 451 -4.01 -36.33 -16.83
N GLU D 452 -3.33 -35.43 -16.13
CA GLU D 452 -3.89 -34.12 -15.82
C GLU D 452 -4.32 -33.36 -17.08
N LYS D 453 -3.47 -33.38 -18.11
CA LYS D 453 -3.84 -32.78 -19.39
C LYS D 453 -5.02 -33.50 -20.05
N ALA D 454 -4.99 -34.83 -20.07
CA ALA D 454 -6.04 -35.59 -20.75
C ALA D 454 -7.40 -35.39 -20.10
N ASP D 455 -7.46 -35.43 -18.77
CA ASP D 455 -8.71 -35.20 -18.07
C ASP D 455 -9.25 -33.80 -18.31
N GLU D 456 -8.38 -32.79 -18.24
CA GLU D 456 -8.81 -31.42 -18.48
C GLU D 456 -9.33 -31.22 -19.90
N ILE D 457 -8.65 -31.78 -20.90
CA ILE D 457 -9.07 -31.59 -22.29
C ILE D 457 -10.33 -32.41 -22.62
N THR D 458 -10.44 -33.63 -22.08
CA THR D 458 -11.66 -34.41 -22.25
C THR D 458 -12.87 -33.72 -21.62
N LYS D 459 -12.69 -33.11 -20.45
CA LYS D 459 -13.73 -32.25 -19.88
C LYS D 459 -14.06 -31.10 -20.83
N PHE D 460 -13.04 -30.38 -21.30
CA PHE D 460 -13.26 -29.26 -22.21
C PHE D 460 -14.04 -29.67 -23.46
N ILE D 461 -13.59 -30.71 -24.16
CA ILE D 461 -14.26 -31.13 -25.40
C ILE D 461 -15.71 -31.54 -25.15
N THR D 462 -15.97 -32.23 -24.04
CA THR D 462 -17.34 -32.61 -23.72
C THR D 462 -18.21 -31.39 -23.43
N ASN D 463 -17.69 -30.43 -22.66
CA ASN D 463 -18.51 -29.27 -22.31
C ASN D 463 -18.61 -28.25 -23.45
N MET D 464 -17.60 -28.17 -24.32
CA MET D 464 -17.61 -27.11 -25.32
C MET D 464 -18.68 -27.35 -26.37
N LYS D 465 -18.95 -28.60 -26.69
CA LYS D 465 -20.00 -28.93 -27.64
C LYS D 465 -21.35 -29.08 -26.93
N SER D 471 -19.36 -22.38 -34.17
CA SER D 471 -18.77 -21.67 -35.30
C SER D 471 -17.59 -22.43 -35.86
N ASP D 472 -17.10 -21.98 -37.02
CA ASP D 472 -15.99 -22.65 -37.69
C ASP D 472 -14.73 -22.62 -36.82
N THR D 473 -14.43 -21.45 -36.24
CA THR D 473 -13.26 -21.32 -35.38
C THR D 473 -13.43 -22.02 -34.03
N GLN D 474 -14.66 -22.15 -33.55
CA GLN D 474 -14.90 -22.99 -32.38
C GLN D 474 -14.80 -24.49 -32.69
N GLN D 475 -15.18 -24.90 -33.90
CA GLN D 475 -14.91 -26.27 -34.30
C GLN D 475 -13.42 -26.52 -34.54
N ALA D 476 -12.69 -25.52 -35.01
CA ALA D 476 -11.24 -25.61 -35.09
C ALA D 476 -10.58 -25.73 -33.71
N LEU D 477 -11.12 -25.03 -32.71
CA LEU D 477 -10.68 -25.21 -31.34
C LEU D 477 -10.84 -26.65 -30.86
N ILE D 478 -12.02 -27.24 -31.09
CA ILE D 478 -12.22 -28.65 -30.76
C ILE D 478 -11.19 -29.53 -31.45
N GLN D 479 -10.93 -29.30 -32.73
CA GLN D 479 -9.98 -30.14 -33.46
C GLN D 479 -8.56 -30.01 -32.92
N ARG D 480 -8.12 -28.79 -32.57
CA ARG D 480 -6.84 -28.63 -31.90
C ARG D 480 -6.78 -29.32 -30.54
N LYS D 481 -7.87 -29.25 -29.76
CA LYS D 481 -7.93 -29.95 -28.48
C LYS D 481 -7.85 -31.46 -28.66
N GLN D 482 -8.57 -31.99 -29.64
CA GLN D 482 -8.51 -33.42 -29.95
C GLN D 482 -7.14 -33.85 -30.48
N SER D 483 -6.47 -33.00 -31.26
CA SER D 483 -5.09 -33.29 -31.64
C SER D 483 -4.16 -33.35 -30.44
N THR D 484 -4.29 -32.41 -29.50
CA THR D 484 -3.50 -32.44 -28.28
C THR D 484 -3.75 -33.74 -27.52
N LEU D 485 -5.03 -34.07 -27.30
CA LEU D 485 -5.39 -35.27 -26.56
C LEU D 485 -4.85 -36.55 -27.20
N THR D 486 -4.76 -36.58 -28.52
CA THR D 486 -4.13 -37.72 -29.20
C THR D 486 -2.62 -37.74 -29.00
N ARG D 487 -1.97 -36.60 -29.17
CA ARG D 487 -0.51 -36.54 -29.22
C ARG D 487 0.17 -36.58 -27.86
N ILE D 488 -0.52 -36.23 -26.77
CA ILE D 488 0.10 -36.37 -25.46
C ILE D 488 0.38 -37.82 -25.10
N ASN D 489 -0.22 -38.78 -25.80
CA ASN D 489 0.07 -40.18 -25.58
C ASN D 489 1.47 -40.58 -26.04
N ASN D 490 2.07 -39.86 -26.98
CA ASN D 490 3.42 -40.18 -27.45
C ASN D 490 4.48 -39.75 -26.43
N SER D 491 5.33 -40.70 -26.05
CA SER D 491 6.32 -40.48 -24.99
C SER D 491 7.58 -39.78 -25.48
N PHE D 492 8.14 -38.93 -24.61
CA PHE D 492 9.42 -38.27 -24.82
C PHE D 492 10.62 -39.07 -24.34
N GLU D 493 10.42 -40.24 -23.72
CA GLU D 493 11.50 -41.12 -23.25
C GLU D 493 12.44 -40.41 -22.27
N ARG D 494 11.86 -39.87 -21.22
CA ARG D 494 12.57 -39.03 -20.25
C ARG D 494 13.22 -39.88 -19.17
N PRO D 495 14.15 -39.29 -18.40
CA PRO D 495 14.74 -40.01 -17.25
C PRO D 495 13.70 -40.56 -16.29
N SER D 496 13.91 -41.80 -15.87
CA SER D 496 13.06 -42.46 -14.89
C SER D 496 13.57 -42.23 -13.48
N GLN D 497 12.74 -41.60 -12.64
CA GLN D 497 12.98 -41.52 -11.20
C GLN D 497 11.67 -41.85 -10.48
N PRO D 498 11.59 -42.98 -9.79
CA PRO D 498 10.38 -43.36 -9.06
C PRO D 498 9.87 -42.25 -8.13
N LEU D 499 8.55 -42.05 -8.17
CA LEU D 499 7.91 -41.01 -7.37
C LEU D 499 8.07 -41.28 -5.87
N TYR D 500 8.21 -40.21 -5.10
CA TYR D 500 8.25 -40.30 -3.65
C TYR D 500 6.99 -40.95 -3.10
N GLN D 501 7.18 -41.86 -2.14
CA GLN D 501 6.09 -42.50 -1.40
C GLN D 501 6.21 -42.12 0.07
N GLY D 502 5.23 -41.38 0.59
CA GLY D 502 5.19 -41.02 1.98
C GLY D 502 4.02 -41.67 2.71
N GLN D 503 4.25 -42.01 3.97
CA GLN D 503 3.20 -42.63 4.79
C GLN D 503 2.12 -41.61 5.13
N SER D 504 0.88 -41.96 4.81
CA SER D 504 -0.27 -41.08 5.06
C SER D 504 -0.45 -40.73 6.53
N HIS D 505 -0.04 -41.61 7.44
CA HIS D 505 -0.19 -41.35 8.87
C HIS D 505 0.95 -40.55 9.49
N ILE D 506 1.98 -40.20 8.74
CA ILE D 506 3.09 -39.40 9.24
C ILE D 506 3.00 -38.02 8.63
N LEU D 507 2.95 -36.99 9.48
CA LEU D 507 2.81 -35.61 9.06
C LEU D 507 3.90 -34.77 9.73
N VAL D 508 4.36 -33.75 9.02
CA VAL D 508 5.19 -32.69 9.62
C VAL D 508 4.35 -31.43 9.79
N GLY D 509 4.16 -31.01 11.04
CA GLY D 509 3.58 -29.71 11.32
C GLY D 509 4.66 -28.66 11.43
N VAL D 510 4.46 -27.52 10.77
CA VAL D 510 5.40 -26.40 10.81
C VAL D 510 4.72 -25.22 11.49
N SER D 511 5.10 -24.94 12.72
CA SER D 511 4.64 -23.76 13.44
C SER D 511 5.41 -22.53 12.97
N LEU D 512 4.70 -21.47 12.62
CA LEU D 512 5.30 -20.21 12.19
C LEU D 512 5.04 -19.13 13.24
N GLY D 513 6.10 -18.43 13.65
CA GLY D 513 5.96 -17.38 14.63
C GLY D 513 6.88 -16.22 14.34
N LEU D 514 6.53 -15.08 14.94
CA LEU D 514 7.32 -13.86 14.78
C LEU D 514 8.70 -14.01 15.39
N GLU D 515 8.80 -14.69 16.53
CA GLU D 515 10.07 -14.87 17.21
C GLU D 515 10.83 -16.07 16.65
N LYS D 516 10.13 -17.17 16.40
CA LYS D 516 10.74 -18.39 15.86
C LYS D 516 10.11 -18.66 14.50
N PRO D 517 10.77 -18.24 13.42
CA PRO D 517 10.14 -18.34 12.08
C PRO D 517 9.57 -19.71 11.75
N ALA D 518 10.26 -20.79 12.07
CA ALA D 518 9.70 -22.12 11.91
C ALA D 518 10.10 -23.03 13.06
N THR D 519 9.18 -23.92 13.44
CA THR D 519 9.42 -25.05 14.32
C THR D 519 8.65 -26.22 13.74
N VAL D 520 9.24 -27.41 13.76
CA VAL D 520 8.59 -28.56 13.15
C VAL D 520 8.42 -29.67 14.17
N ALA D 521 7.31 -30.39 14.03
CA ALA D 521 7.06 -31.66 14.71
C ALA D 521 6.71 -32.72 13.68
N VAL D 522 7.45 -33.81 13.68
CA VAL D 522 7.06 -35.01 12.96
C VAL D 522 6.17 -35.83 13.89
N VAL D 523 4.92 -36.05 13.48
CA VAL D 523 3.94 -36.76 14.31
C VAL D 523 3.53 -38.04 13.60
N ASP D 524 3.51 -39.14 14.36
CA ASP D 524 2.86 -40.38 13.95
C ASP D 524 1.43 -40.32 14.47
N ALA D 525 0.49 -40.03 13.59
CA ALA D 525 -0.83 -39.59 14.01
C ALA D 525 -1.71 -40.73 14.51
N ILE D 526 -1.56 -41.94 13.94
CA ILE D 526 -2.31 -43.08 14.47
C ILE D 526 -1.75 -43.52 15.82
N ALA D 527 -0.47 -43.28 16.07
CA ALA D 527 0.12 -43.50 17.38
C ALA D 527 -0.02 -42.29 18.30
N ASN D 528 -0.39 -41.13 17.75
CA ASN D 528 -0.46 -39.87 18.50
C ASN D 528 0.87 -39.53 19.19
N LYS D 529 1.98 -39.83 18.54
CA LYS D 529 3.29 -39.60 19.13
C LYS D 529 4.14 -38.73 18.20
N VAL D 530 4.95 -37.88 18.80
CA VAL D 530 5.93 -37.09 18.05
C VAL D 530 7.16 -37.93 17.78
N LEU D 531 7.47 -38.14 16.49
CA LEU D 531 8.69 -38.83 16.12
C LEU D 531 9.93 -37.96 16.29
N ALA D 532 9.81 -36.66 16.03
CA ALA D 532 10.93 -35.74 16.16
C ALA D 532 10.40 -34.32 16.24
N TYR D 533 10.97 -33.53 17.13
CA TYR D 533 10.96 -32.08 17.00
C TYR D 533 12.26 -31.61 16.37
N ARG D 534 12.22 -30.45 15.75
CA ARG D 534 13.41 -29.65 15.47
C ARG D 534 13.13 -28.20 15.76
N SER D 535 14.07 -27.53 16.42
CA SER D 535 14.00 -26.09 16.59
C SER D 535 14.49 -25.37 15.34
N ILE D 536 14.25 -24.05 15.30
CA ILE D 536 14.82 -23.20 14.26
C ILE D 536 16.32 -23.37 14.16
N LYS D 537 17.01 -23.49 15.30
CA LYS D 537 18.46 -23.67 15.31
C LYS D 537 18.88 -25.01 14.71
N GLN D 538 18.13 -26.08 14.97
CA GLN D 538 18.43 -27.37 14.36
C GLN D 538 18.08 -27.42 12.88
N LEU D 539 17.03 -26.73 12.45
CA LEU D 539 16.73 -26.64 11.02
C LEU D 539 17.82 -25.92 10.25
N LEU D 540 18.27 -24.75 10.75
CA LEU D 540 19.35 -24.03 10.09
C LEU D 540 20.72 -24.69 10.23
N GLY D 541 20.93 -25.50 11.26
CA GLY D 541 22.21 -26.18 11.42
C GLY D 541 23.38 -25.21 11.51
N ASP D 542 24.39 -25.45 10.66
CA ASP D 542 25.52 -24.52 10.52
C ASP D 542 25.12 -23.13 10.00
N ASN D 543 23.99 -23.00 9.34
CA ASN D 543 23.55 -21.68 8.89
C ASN D 543 22.87 -20.85 9.97
N TYR D 544 22.73 -21.38 11.18
CA TYR D 544 21.96 -20.70 12.22
C TYR D 544 22.47 -19.29 12.50
N GLU D 545 23.78 -19.04 12.34
CA GLU D 545 24.33 -17.71 12.52
C GLU D 545 23.77 -16.66 11.55
N LEU D 546 23.25 -17.09 10.40
CA LEU D 546 22.60 -16.18 9.47
C LEU D 546 21.38 -15.49 10.08
N LEU D 547 20.73 -16.14 11.04
CA LEU D 547 19.53 -15.58 11.65
C LEU D 547 19.82 -14.38 12.54
N ASN D 548 20.87 -14.43 13.36
CA ASN D 548 21.32 -13.24 14.06
C ASN D 548 21.89 -12.19 13.11
N ARG D 549 22.59 -12.61 12.06
CA ARG D 549 23.01 -11.67 11.03
C ARG D 549 21.84 -10.88 10.43
N GLN D 550 20.73 -11.55 10.14
CA GLN D 550 19.57 -10.87 9.57
C GLN D 550 19.05 -9.77 10.50
N ARG D 551 18.78 -10.11 11.75
CA ARG D 551 18.34 -9.13 12.73
C ARG D 551 19.31 -7.96 12.84
N ARG D 552 20.60 -8.25 12.92
CA ARG D 552 21.63 -7.23 13.02
C ARG D 552 21.70 -6.34 11.79
N GLN D 553 21.65 -6.93 10.59
CA GLN D 553 21.64 -6.13 9.36
C GLN D 553 20.35 -5.34 9.18
N GLN D 554 19.20 -5.90 9.55
CA GLN D 554 17.96 -5.13 9.45
C GLN D 554 18.01 -3.88 10.31
N GLN D 555 18.54 -3.98 11.53
CA GLN D 555 18.78 -2.78 12.35
C GLN D 555 19.78 -1.84 11.68
N TYR D 556 20.97 -2.35 11.35
CA TYR D 556 22.04 -1.51 10.83
C TYR D 556 21.66 -0.82 9.52
N LEU D 557 21.15 -1.58 8.55
CA LEU D 557 20.84 -1.01 7.24
C LEU D 557 19.67 -0.04 7.26
N SER D 558 18.69 -0.25 8.15
CA SER D 558 17.65 0.76 8.36
C SER D 558 18.22 2.08 8.87
N HIS D 559 19.10 2.01 9.85
CA HIS D 559 19.70 3.23 10.39
C HIS D 559 20.61 3.94 9.39
N GLU D 560 21.35 3.19 8.59
CA GLU D 560 22.16 3.80 7.53
C GLU D 560 21.31 4.41 6.43
N ARG D 561 20.15 3.83 6.11
CA ARG D 561 19.21 4.49 5.20
C ARG D 561 18.64 5.77 5.78
N HIS D 562 18.19 5.72 7.03
CA HIS D 562 17.72 6.91 7.74
C HIS D 562 18.73 8.05 7.70
N LYS D 563 19.99 7.75 7.99
CA LYS D 563 21.06 8.74 7.87
C LYS D 563 21.28 9.18 6.43
N ALA D 564 21.25 8.24 5.48
CA ALA D 564 21.46 8.59 4.07
C ALA D 564 20.33 9.44 3.50
N GLN D 565 19.08 9.19 3.90
CA GLN D 565 17.96 9.98 3.42
C GLN D 565 18.12 11.47 3.72
N LYS D 566 18.54 11.79 4.94
CA LYS D 566 18.76 13.19 5.33
C LYS D 566 19.81 13.89 4.48
N ASN D 567 20.76 13.15 3.91
CA ASN D 567 21.73 13.70 2.98
C ASN D 567 21.28 13.68 1.53
N PHE D 568 20.11 13.12 1.23
CA PHE D 568 19.70 12.79 -0.14
C PHE D 568 20.68 11.87 -0.85
N SER D 569 21.36 11.04 -0.10
CA SER D 569 22.29 10.07 -0.67
C SER D 569 21.53 8.88 -1.26
N PRO D 570 21.96 8.37 -2.41
CA PRO D 570 21.26 7.24 -3.04
C PRO D 570 21.58 5.90 -2.42
N ASN D 571 22.60 5.83 -1.56
CA ASN D 571 23.11 4.59 -1.00
C ASN D 571 22.17 4.03 0.07
N GLN D 572 21.01 3.54 -0.34
CA GLN D 572 20.01 2.96 0.55
C GLN D 572 19.81 1.50 0.19
N PHE D 573 20.06 0.61 1.15
CA PHE D 573 20.14 -0.82 0.93
C PHE D 573 19.39 -1.58 2.02
N GLY D 574 19.16 -2.87 1.80
CA GLY D 574 18.49 -3.67 2.80
C GLY D 574 18.77 -5.16 2.66
N ALA D 575 18.28 -5.90 3.65
CA ALA D 575 18.58 -7.30 3.88
C ALA D 575 17.61 -8.28 3.21
N SER D 576 16.78 -7.84 2.27
CA SER D 576 15.77 -8.73 1.69
C SER D 576 16.34 -10.03 1.13
N GLU D 577 17.50 -9.95 0.45
CA GLU D 577 18.11 -11.14 -0.13
C GLU D 577 18.64 -12.12 0.91
N LEU D 578 19.13 -11.63 2.05
CA LEU D 578 19.46 -12.52 3.17
C LEU D 578 18.22 -13.17 3.76
N GLY D 579 17.15 -12.40 3.94
CA GLY D 579 15.89 -12.97 4.39
C GLY D 579 15.35 -14.04 3.47
N GLN D 580 15.39 -13.81 2.16
CA GLN D 580 15.02 -14.82 1.18
C GLN D 580 15.89 -16.07 1.30
N HIS D 581 17.21 -15.89 1.43
CA HIS D 581 18.12 -17.01 1.62
C HIS D 581 17.74 -17.87 2.83
N ILE D 582 17.44 -17.22 3.97
CA ILE D 582 17.05 -17.96 5.17
C ILE D 582 15.78 -18.77 4.94
N ASP D 583 14.75 -18.17 4.34
CA ASP D 583 13.51 -18.89 4.09
C ASP D 583 13.71 -20.09 3.17
N ARG D 584 14.62 -20.02 2.22
CA ARG D 584 14.92 -21.15 1.36
C ARG D 584 15.70 -22.24 2.09
N LEU D 585 16.62 -21.85 2.98
CA LEU D 585 17.32 -22.82 3.81
C LEU D 585 16.36 -23.59 4.72
N LEU D 586 15.44 -22.88 5.35
CA LEU D 586 14.40 -23.51 6.16
C LEU D 586 13.53 -24.46 5.34
N ALA D 587 13.08 -24.01 4.16
CA ALA D 587 12.26 -24.86 3.29
C ALA D 587 12.95 -26.17 2.93
N LYS D 588 14.23 -26.12 2.56
CA LYS D 588 14.96 -27.34 2.26
C LYS D 588 15.12 -28.23 3.48
N ALA D 589 15.39 -27.64 4.64
CA ALA D 589 15.54 -28.41 5.88
C ALA D 589 14.24 -29.12 6.26
N ILE D 590 13.11 -28.42 6.17
CA ILE D 590 11.81 -28.99 6.49
C ILE D 590 11.47 -30.16 5.58
N VAL D 591 11.69 -30.00 4.28
CA VAL D 591 11.38 -31.06 3.33
C VAL D 591 12.34 -32.24 3.46
N ALA D 592 13.61 -31.98 3.73
CA ALA D 592 14.55 -33.08 3.95
C ALA D 592 14.18 -33.91 5.17
N LEU D 593 13.79 -33.26 6.26
CA LEU D 593 13.27 -33.98 7.43
C LEU D 593 12.01 -34.77 7.10
N ALA D 594 11.09 -34.17 6.35
CA ALA D 594 9.89 -34.88 5.91
C ALA D 594 10.22 -36.14 5.09
N ARG D 595 11.15 -36.02 4.14
CA ARG D 595 11.62 -37.19 3.42
C ARG D 595 12.23 -38.24 4.35
N THR D 596 13.04 -37.79 5.31
CA THR D 596 13.76 -38.72 6.17
C THR D 596 12.80 -39.57 7.01
N TYR D 597 11.73 -38.98 7.52
CA TYR D 597 10.71 -39.73 8.25
C TYR D 597 9.61 -40.29 7.38
N LYS D 598 9.74 -40.21 6.05
CA LYS D 598 8.69 -40.65 5.12
C LYS D 598 7.33 -40.02 5.41
N ALA D 599 7.34 -38.76 5.82
CA ALA D 599 6.07 -38.07 6.04
C ALA D 599 5.26 -38.01 4.75
N GLY D 600 3.95 -38.23 4.89
CA GLY D 600 3.06 -38.07 3.76
C GLY D 600 2.78 -36.63 3.40
N SER D 601 2.84 -35.72 4.37
CA SER D 601 2.49 -34.34 4.09
C SER D 601 3.25 -33.42 5.04
N ILE D 602 3.34 -32.16 4.63
CA ILE D 602 3.74 -31.05 5.49
C ILE D 602 2.51 -30.19 5.76
N VAL D 603 2.28 -29.88 7.03
CA VAL D 603 1.14 -29.07 7.46
C VAL D 603 1.62 -27.66 7.76
N LEU D 604 1.01 -26.67 7.12
CA LEU D 604 1.32 -25.26 7.28
C LEU D 604 0.11 -24.52 7.85
N PRO D 605 0.32 -23.46 8.64
CA PRO D 605 -0.82 -22.75 9.24
C PRO D 605 -1.47 -21.76 8.28
N LYS D 606 -2.80 -21.70 8.34
CA LYS D 606 -3.59 -20.59 7.80
C LYS D 606 -3.48 -19.36 8.71
N LEU D 607 -2.43 -18.58 8.50
CA LEU D 607 -2.21 -17.38 9.31
C LEU D 607 -3.22 -16.26 9.03
N GLY D 608 -3.84 -16.25 7.86
CA GLY D 608 -4.60 -15.09 7.44
C GLY D 608 -3.72 -13.88 7.17
N ASP D 609 -4.26 -12.68 7.40
CA ASP D 609 -3.51 -11.43 7.28
C ASP D 609 -3.07 -10.94 8.65
N MET D 610 -1.90 -11.42 9.10
CA MET D 610 -1.37 -11.07 10.40
C MET D 610 -1.18 -9.57 10.59
N ARG D 611 -0.85 -8.85 9.52
CA ARG D 611 -0.48 -7.44 9.64
C ARG D 611 -1.69 -6.56 9.95
N GLU D 612 -2.83 -6.82 9.32
CA GLU D 612 -4.04 -6.06 9.62
C GLU D 612 -4.66 -6.42 10.97
N VAL D 613 -4.50 -7.66 11.43
CA VAL D 613 -4.89 -8.02 12.78
C VAL D 613 -4.05 -7.24 13.80
N VAL D 614 -2.73 -7.35 13.71
CA VAL D 614 -1.84 -6.67 14.65
C VAL D 614 -2.04 -5.16 14.60
N GLN D 615 -2.14 -4.60 13.39
CA GLN D 615 -2.29 -3.15 13.25
C GLN D 615 -3.57 -2.63 13.88
N SER D 616 -4.68 -3.36 13.74
CA SER D 616 -5.93 -2.94 14.36
C SER D 616 -6.00 -3.22 15.86
N GLU D 617 -5.41 -4.31 16.32
CA GLU D 617 -5.26 -4.56 17.76
C GLU D 617 -4.47 -3.46 18.46
N ILE D 618 -3.28 -3.15 17.95
CA ILE D 618 -2.43 -2.14 18.59
C ILE D 618 -3.07 -0.75 18.55
N GLN D 619 -3.72 -0.39 17.44
CA GLN D 619 -4.40 0.90 17.37
C GLN D 619 -5.53 1.01 18.39
N ALA D 620 -6.32 -0.05 18.56
CA ALA D 620 -7.38 -0.01 19.57
C ALA D 620 -6.83 0.16 20.98
N ILE D 621 -5.71 -0.49 21.29
CA ILE D 621 -5.05 -0.26 22.57
C ILE D 621 -4.53 1.17 22.68
N ALA D 622 -3.85 1.65 21.64
CA ALA D 622 -3.20 2.96 21.69
C ALA D 622 -4.22 4.09 21.79
N GLU D 623 -5.37 3.96 21.13
CA GLU D 623 -6.42 4.98 21.26
C GLU D 623 -6.95 5.11 22.68
N GLN D 624 -6.95 4.03 23.46
CA GLN D 624 -7.26 4.16 24.88
C GLN D 624 -6.12 4.82 25.66
N LYS D 625 -4.88 4.50 25.34
CA LYS D 625 -3.75 5.01 26.10
C LYS D 625 -3.39 6.45 25.75
N PHE D 626 -3.56 6.85 24.49
CA PHE D 626 -3.23 8.20 24.03
C PHE D 626 -4.46 8.83 23.39
N PRO D 627 -5.51 9.09 24.17
CA PRO D 627 -6.74 9.63 23.58
C PRO D 627 -6.53 11.02 23.01
N GLY D 628 -6.94 11.21 21.76
CA GLY D 628 -6.76 12.50 21.11
C GLY D 628 -5.34 12.89 20.79
N TYR D 629 -4.40 11.95 20.81
CA TYR D 629 -2.99 12.23 20.56
C TYR D 629 -2.51 11.20 19.52
N ILE D 630 -2.65 11.55 18.25
CA ILE D 630 -2.37 10.63 17.15
C ILE D 630 -0.91 10.19 17.14
N GLU D 631 0.02 11.12 17.31
CA GLU D 631 1.43 10.74 17.29
C GLU D 631 1.83 9.84 18.44
N GLY D 632 1.22 10.01 19.61
CA GLY D 632 1.40 9.05 20.68
C GLY D 632 0.91 7.66 20.32
N GLN D 633 -0.26 7.59 19.69
CA GLN D 633 -0.81 6.32 19.23
C GLN D 633 0.12 5.65 18.21
N GLN D 634 0.65 6.41 17.26
CA GLN D 634 1.53 5.84 16.23
C GLN D 634 2.91 5.46 16.76
N LYS D 635 3.40 6.16 17.78
CA LYS D 635 4.62 5.72 18.47
C LYS D 635 4.42 4.44 19.26
N TYR D 636 3.22 4.23 19.81
CA TYR D 636 2.96 3.05 20.62
C TYR D 636 3.15 1.75 19.86
N ALA D 637 3.98 0.87 20.44
CA ALA D 637 4.34 -0.43 19.86
C ALA D 637 4.83 -0.33 18.41
N LYS D 638 5.45 0.80 18.08
CA LYS D 638 5.91 1.04 16.71
C LYS D 638 6.83 -0.08 16.21
N GLN D 639 7.79 -0.49 17.05
CA GLN D 639 8.75 -1.52 16.64
C GLN D 639 8.11 -2.90 16.50
N TYR D 640 7.12 -3.22 17.33
CA TYR D 640 6.36 -4.46 17.16
C TYR D 640 5.59 -4.46 15.84
N ARG D 641 4.92 -3.36 15.53
CA ARG D 641 4.24 -3.23 14.25
C ARG D 641 5.20 -3.32 13.06
N VAL D 642 6.39 -2.73 13.19
CA VAL D 642 7.42 -2.88 12.16
C VAL D 642 7.84 -4.34 12.03
N ASN D 643 8.14 -4.99 13.15
CA ASN D 643 8.51 -6.41 13.14
C ASN D 643 7.46 -7.28 12.48
N VAL D 644 6.18 -7.02 12.74
CA VAL D 644 5.12 -7.79 12.10
C VAL D 644 5.02 -7.52 10.61
N HIS D 645 5.25 -6.27 10.19
CA HIS D 645 5.31 -5.99 8.75
C HIS D 645 6.54 -6.55 8.05
N ARG D 646 7.61 -6.87 8.78
CA ARG D 646 8.74 -7.57 8.17
C ARG D 646 8.63 -9.09 8.21
N TRP D 647 7.80 -9.63 9.08
CA TRP D 647 7.66 -11.08 9.23
C TRP D 647 7.26 -11.73 7.90
N SER D 648 8.18 -12.51 7.32
CA SER D 648 8.03 -13.04 5.97
C SER D 648 7.39 -14.42 5.97
N TYR D 649 6.23 -14.56 6.59
CA TYR D 649 5.54 -15.83 6.65
C TYR D 649 5.06 -16.30 5.28
N GLY D 650 4.67 -15.36 4.40
CA GLY D 650 4.27 -15.74 3.06
C GLY D 650 5.40 -16.27 2.19
N ARG D 651 6.54 -15.59 2.21
CA ARG D 651 7.72 -16.06 1.50
C ARG D 651 8.19 -17.43 1.99
N LEU D 652 8.17 -17.66 3.30
CA LEU D 652 8.53 -18.97 3.83
C LEU D 652 7.53 -20.05 3.45
N ILE D 653 6.22 -19.77 3.55
CA ILE D 653 5.21 -20.71 3.07
C ILE D 653 5.41 -21.03 1.60
N GLN D 654 5.64 -20.01 0.77
CA GLN D 654 5.84 -20.24 -0.65
C GLN D 654 7.07 -21.10 -0.93
N SER D 655 8.17 -20.85 -0.23
CA SER D 655 9.38 -21.65 -0.39
C SER D 655 9.17 -23.11 0.00
N ILE D 656 8.44 -23.36 1.09
CA ILE D 656 8.10 -24.72 1.48
C ILE D 656 7.21 -25.40 0.44
N GLN D 657 6.18 -24.70 -0.04
CA GLN D 657 5.31 -25.26 -1.07
C GLN D 657 6.07 -25.68 -2.33
N SER D 658 6.99 -24.84 -2.79
CA SER D 658 7.79 -25.18 -3.97
C SER D 658 8.67 -26.40 -3.74
N LYS D 659 9.38 -26.45 -2.62
CA LYS D 659 10.29 -27.56 -2.35
C LYS D 659 9.54 -28.87 -2.13
N ALA D 660 8.39 -28.82 -1.47
CA ALA D 660 7.58 -30.02 -1.29
C ALA D 660 7.02 -30.55 -2.61
N ALA D 661 6.56 -29.65 -3.50
CA ALA D 661 6.07 -30.09 -4.80
C ALA D 661 7.15 -30.73 -5.65
N GLN D 662 8.38 -30.22 -5.58
CA GLN D 662 9.48 -30.81 -6.31
C GLN D 662 9.90 -32.18 -5.78
N THR D 663 9.46 -32.57 -4.59
CA THR D 663 9.63 -33.93 -4.11
C THR D 663 8.31 -34.68 -3.99
N GLY D 664 7.22 -34.12 -4.48
CA GLY D 664 5.93 -34.78 -4.41
C GLY D 664 5.33 -34.96 -3.03
N ILE D 665 5.81 -34.22 -2.04
CA ILE D 665 5.19 -34.24 -0.71
C ILE D 665 3.96 -33.33 -0.73
N VAL D 666 2.85 -33.83 -0.18
CA VAL D 666 1.62 -33.05 -0.12
C VAL D 666 1.76 -31.92 0.90
N ILE D 667 1.21 -30.76 0.57
CA ILE D 667 1.00 -29.68 1.52
C ILE D 667 -0.45 -29.70 1.99
N GLU D 668 -0.64 -29.60 3.30
CA GLU D 668 -1.96 -29.45 3.92
C GLU D 668 -1.98 -28.17 4.74
N GLU D 669 -3.14 -27.55 4.83
CA GLU D 669 -3.34 -26.37 5.66
C GLU D 669 -4.13 -26.73 6.91
N GLY D 670 -3.65 -26.26 8.06
CA GLY D 670 -4.32 -26.45 9.33
C GLY D 670 -4.42 -25.14 10.08
N LYS D 671 -5.00 -25.23 11.28
CA LYS D 671 -5.13 -24.08 12.16
C LYS D 671 -4.08 -24.18 13.26
N GLN D 672 -3.20 -23.20 13.33
CA GLN D 672 -2.21 -23.13 14.40
C GLN D 672 -2.86 -22.70 15.70
N PRO D 673 -2.74 -23.47 16.78
CA PRO D 673 -3.28 -23.01 18.07
C PRO D 673 -2.46 -21.86 18.62
N ILE D 674 -3.15 -20.98 19.35
CA ILE D 674 -2.48 -19.86 20.00
C ILE D 674 -1.83 -20.28 21.32
N ARG D 675 -2.40 -21.26 22.01
CA ARG D 675 -1.80 -21.81 23.22
C ARG D 675 -0.48 -22.51 22.93
N GLY D 676 0.39 -22.52 23.95
CA GLY D 676 1.56 -23.38 23.98
C GLY D 676 2.79 -22.81 23.31
N SER D 677 3.89 -23.56 23.45
CA SER D 677 5.16 -23.26 22.82
C SER D 677 5.15 -23.57 21.32
N PRO D 678 6.12 -23.05 20.56
CA PRO D 678 6.23 -23.42 19.15
C PRO D 678 6.25 -24.93 18.88
N HIS D 679 6.85 -25.73 19.76
CA HIS D 679 6.81 -27.18 19.58
C HIS D 679 5.40 -27.73 19.71
N ASP D 680 4.69 -27.32 20.76
CA ASP D 680 3.32 -27.80 20.97
C ASP D 680 2.37 -27.31 19.88
N LYS D 681 2.54 -26.06 19.45
CA LYS D 681 1.79 -25.55 18.30
C LYS D 681 2.01 -26.39 17.05
N ALA D 682 3.27 -26.77 16.78
CA ALA D 682 3.56 -27.58 15.60
C ALA D 682 2.94 -28.97 15.69
N LYS D 683 3.02 -29.61 16.85
CA LYS D 683 2.37 -30.91 17.06
C LYS D 683 0.86 -30.85 16.85
N GLU D 684 0.19 -29.91 17.51
CA GLU D 684 -1.26 -29.84 17.42
C GLU D 684 -1.73 -29.33 16.06
N LEU D 685 -0.95 -28.49 15.40
CA LEU D 685 -1.20 -28.17 13.99
C LEU D 685 -1.18 -29.42 13.12
N ALA D 686 -0.16 -30.26 13.27
CA ALA D 686 -0.07 -31.50 12.51
C ALA D 686 -1.24 -32.44 12.78
N LEU D 687 -1.54 -32.69 14.06
CA LEU D 687 -2.61 -33.63 14.42
C LEU D 687 -3.99 -33.13 14.04
N SER D 688 -4.23 -31.82 14.12
CA SER D 688 -5.52 -31.29 13.68
C SER D 688 -5.72 -31.45 12.18
N ALA D 689 -4.69 -31.22 11.38
CA ALA D 689 -4.81 -31.46 9.94
C ALA D 689 -5.07 -32.92 9.60
N TYR D 690 -4.49 -33.85 10.37
CA TYR D 690 -4.86 -35.25 10.23
C TYR D 690 -6.32 -35.50 10.56
N ASN D 691 -6.78 -34.99 11.70
CA ASN D 691 -8.18 -35.18 12.09
C ASN D 691 -9.15 -34.42 11.19
N LEU D 692 -8.72 -33.36 10.54
CA LEU D 692 -9.58 -32.62 9.63
C LEU D 692 -9.73 -33.30 8.28
N ARG D 693 -8.96 -34.33 7.98
CA ARG D 693 -9.20 -35.10 6.76
C ARG D 693 -10.53 -35.82 6.86
N LEU D 694 -11.39 -35.59 5.88
CA LEU D 694 -12.74 -36.16 5.89
C LEU D 694 -13.06 -36.86 4.58
N ALA E 3 24.76 29.40 -6.84
CA ALA E 3 24.86 30.53 -5.94
C ALA E 3 24.83 31.83 -6.73
N LEU E 4 24.54 32.93 -6.03
CA LEU E 4 24.24 34.21 -6.66
C LEU E 4 25.32 35.22 -6.27
N THR E 5 25.83 35.95 -7.24
CA THR E 5 26.85 36.95 -6.98
C THR E 5 26.25 38.19 -6.35
N GLN E 6 27.07 38.88 -5.54
CA GLN E 6 26.63 40.13 -4.92
C GLN E 6 26.28 41.19 -5.95
N GLU E 7 26.98 41.22 -7.08
CA GLU E 7 26.67 42.20 -8.12
C GLU E 7 25.32 41.93 -8.78
N ARG E 8 25.04 40.68 -9.12
CA ARG E 8 23.73 40.33 -9.64
C ARG E 8 22.64 40.54 -8.61
N LYS E 9 22.90 40.17 -7.36
CA LYS E 9 21.98 40.44 -6.27
C LYS E 9 21.64 41.92 -6.14
N GLN E 10 22.66 42.77 -5.98
CA GLN E 10 22.44 44.21 -5.88
C GLN E 10 21.80 44.82 -7.13
N GLU E 11 22.11 44.29 -8.31
CA GLU E 11 21.42 44.74 -9.51
C GLU E 11 19.93 44.42 -9.48
N ILE E 12 19.57 43.24 -8.95
CA ILE E 12 18.16 42.92 -8.74
C ILE E 12 17.52 43.89 -7.76
N ILE E 13 18.21 44.18 -6.65
CA ILE E 13 17.69 45.12 -5.66
C ILE E 13 17.40 46.47 -6.31
N VAL E 14 18.40 47.04 -6.98
CA VAL E 14 18.26 48.35 -7.63
C VAL E 14 17.14 48.35 -8.66
N ASN E 15 16.99 47.27 -9.42
CA ASN E 15 16.00 47.28 -10.49
C ASN E 15 14.56 47.11 -10.01
N TYR E 16 14.34 46.47 -8.87
CA TYR E 16 12.99 46.21 -8.39
C TYR E 16 12.63 46.98 -7.13
N GLN E 17 13.59 47.70 -6.55
CA GLN E 17 13.35 48.61 -5.44
C GLN E 17 12.12 49.49 -5.64
N VAL E 18 11.36 49.67 -4.57
CA VAL E 18 10.36 50.73 -4.52
C VAL E 18 11.03 52.09 -4.30
N HIS E 19 12.13 52.10 -3.55
CA HIS E 19 12.92 53.31 -3.34
C HIS E 19 14.31 52.90 -2.89
N GLU E 20 15.22 53.86 -2.88
CA GLU E 20 16.65 53.57 -2.81
C GLU E 20 17.11 52.82 -1.57
N THR E 21 16.31 52.79 -0.49
CA THR E 21 16.69 52.00 0.67
C THR E 21 15.79 50.79 0.89
N ASP E 22 14.80 50.58 0.03
CA ASP E 22 14.01 49.35 0.06
C ASP E 22 14.88 48.16 -0.33
N THR E 23 14.98 47.17 0.57
CA THR E 23 15.77 45.98 0.31
C THR E 23 14.98 44.70 0.55
N GLY E 24 13.67 44.80 0.77
CA GLY E 24 12.93 43.69 1.32
C GLY E 24 11.44 43.72 1.03
N SER E 25 10.97 44.70 0.26
CA SER E 25 9.62 44.64 -0.25
C SER E 25 9.37 43.34 -1.01
N ALA E 26 8.11 42.92 -1.07
CA ALA E 26 7.77 41.65 -1.70
C ALA E 26 8.18 41.60 -3.17
N ASP E 27 8.17 42.74 -3.86
CA ASP E 27 8.58 42.79 -5.26
C ASP E 27 10.05 42.46 -5.42
N VAL E 28 10.91 43.02 -4.56
CA VAL E 28 12.32 42.66 -4.53
C VAL E 28 12.51 41.18 -4.21
N GLN E 29 11.75 40.66 -3.26
CA GLN E 29 11.86 39.26 -2.88
C GLN E 29 11.50 38.31 -4.02
N VAL E 30 10.40 38.56 -4.73
CA VAL E 30 10.05 37.69 -5.85
C VAL E 30 11.02 37.83 -7.01
N ALA E 31 11.61 39.01 -7.20
CA ALA E 31 12.65 39.14 -8.21
C ALA E 31 13.89 38.31 -7.88
N MET E 32 14.35 38.38 -6.63
CA MET E 32 15.44 37.52 -6.17
C MET E 32 15.11 36.04 -6.36
N LEU E 33 13.92 35.61 -5.94
CA LEU E 33 13.53 34.22 -6.09
C LEU E 33 13.38 33.81 -7.55
N THR E 34 12.96 34.73 -8.43
CA THR E 34 12.80 34.38 -9.83
C THR E 34 14.14 34.11 -10.50
N GLU E 35 15.16 34.89 -10.16
CA GLU E 35 16.52 34.60 -10.61
C GLU E 35 16.96 33.20 -10.16
N ARG E 36 16.78 32.90 -8.89
CA ARG E 36 17.19 31.60 -8.35
C ARG E 36 16.42 30.45 -9.01
N ILE E 37 15.11 30.60 -9.19
CA ILE E 37 14.30 29.55 -9.79
C ILE E 37 14.69 29.32 -11.26
N ASN E 38 14.99 30.39 -11.99
CA ASN E 38 15.41 30.24 -13.38
C ASN E 38 16.71 29.46 -13.51
N ARG E 39 17.75 29.84 -12.76
CA ARG E 39 19.00 29.09 -12.77
C ARG E 39 18.84 27.64 -12.34
N LEU E 40 18.03 27.40 -11.31
CA LEU E 40 17.87 26.03 -10.80
C LEU E 40 17.05 25.15 -11.73
N SER E 41 16.08 25.74 -12.43
CA SER E 41 15.37 25.00 -13.48
C SER E 41 16.32 24.55 -14.58
N LEU E 42 17.22 25.42 -15.03
CA LEU E 42 18.24 25.02 -16.01
C LEU E 42 19.14 23.91 -15.48
N HIS E 43 19.49 23.96 -14.20
CA HIS E 43 20.24 22.87 -13.58
C HIS E 43 19.46 21.56 -13.59
N LEU E 44 18.21 21.57 -13.14
CA LEU E 44 17.46 20.33 -13.00
C LEU E 44 17.06 19.71 -14.33
N GLN E 45 16.87 20.52 -15.38
CA GLN E 45 16.70 19.97 -16.71
C GLN E 45 17.89 19.11 -17.13
N ALA E 46 19.10 19.51 -16.72
CA ALA E 46 20.30 18.73 -16.99
C ALA E 46 20.62 17.70 -15.92
N ASN E 47 20.09 17.85 -14.72
CA ASN E 47 20.54 17.08 -13.55
C ASN E 47 19.34 16.49 -12.80
N LYS E 48 18.58 15.64 -13.49
CA LYS E 48 17.35 15.08 -12.92
C LYS E 48 17.57 14.25 -11.67
N LYS E 49 18.74 13.62 -11.52
CA LYS E 49 19.02 12.86 -10.30
C LYS E 49 19.51 13.73 -9.14
N ASP E 50 19.64 15.03 -9.31
CA ASP E 50 20.07 15.90 -8.21
C ASP E 50 18.86 16.24 -7.32
N HIS E 51 18.38 15.21 -6.62
CA HIS E 51 17.22 15.34 -5.75
C HIS E 51 17.47 16.26 -4.56
N SER E 52 18.72 16.39 -4.13
CA SER E 52 19.08 17.42 -3.16
C SER E 52 18.77 18.82 -3.67
N SER E 53 19.16 19.12 -4.91
CA SER E 53 18.87 20.44 -5.48
C SER E 53 17.38 20.59 -5.81
N ARG E 54 16.73 19.51 -6.21
CA ARG E 54 15.29 19.52 -6.45
C ARG E 54 14.51 19.89 -5.18
N ARG E 55 15.00 19.46 -4.02
CA ARG E 55 14.39 19.87 -2.76
C ARG E 55 14.37 21.38 -2.62
N GLY E 56 15.44 22.06 -3.03
CA GLY E 56 15.47 23.51 -3.01
C GLY E 56 14.46 24.16 -3.93
N LEU E 57 14.28 23.61 -5.13
CA LEU E 57 13.33 24.17 -6.08
C LEU E 57 11.91 24.21 -5.51
N LEU E 58 11.45 23.10 -4.94
CA LEU E 58 10.10 23.06 -4.37
C LEU E 58 9.93 24.08 -3.24
N LYS E 59 10.99 24.35 -2.48
CA LYS E 59 10.95 25.42 -1.51
C LYS E 59 10.85 26.78 -2.18
N LEU E 60 11.68 27.02 -3.18
CA LEU E 60 11.75 28.33 -3.83
C LEU E 60 10.47 28.65 -4.59
N ILE E 61 9.90 27.68 -5.30
CA ILE E 61 8.62 27.87 -5.97
C ILE E 61 7.50 28.19 -4.98
N GLY E 62 7.46 27.47 -3.86
CA GLY E 62 6.48 27.77 -2.82
C GLY E 62 6.65 29.15 -2.22
N GLN E 63 7.89 29.54 -1.92
CA GLN E 63 8.17 30.88 -1.41
C GLN E 63 7.66 31.96 -2.35
N ARG E 64 7.92 31.81 -3.66
CA ARG E 64 7.44 32.79 -4.61
C ARG E 64 5.92 32.76 -4.76
N LYS E 65 5.32 31.57 -4.69
CA LYS E 65 3.87 31.45 -4.74
C LYS E 65 3.19 32.21 -3.61
N ARG E 66 3.72 32.11 -2.39
CA ARG E 66 3.17 32.85 -1.25
C ARG E 66 3.36 34.36 -1.39
N LEU E 67 4.53 34.79 -1.86
CA LEU E 67 4.78 36.22 -2.05
C LEU E 67 3.90 36.83 -3.14
N LEU E 68 3.73 36.14 -4.27
CA LEU E 68 2.87 36.67 -5.32
C LEU E 68 1.41 36.74 -4.89
N ALA E 69 0.93 35.74 -4.16
CA ALA E 69 -0.42 35.79 -3.61
C ALA E 69 -0.58 36.95 -2.63
N TYR E 70 0.46 37.25 -1.86
CA TYR E 70 0.43 38.43 -0.99
C TYR E 70 0.37 39.72 -1.79
N ILE E 71 1.22 39.86 -2.81
CA ILE E 71 1.22 41.06 -3.66
C ILE E 71 -0.12 41.25 -4.37
N GLN E 72 -0.69 40.16 -4.91
CA GLN E 72 -1.89 40.25 -5.71
C GLN E 72 -3.08 40.86 -4.98
N LYS E 73 -3.20 40.60 -3.68
CA LYS E 73 -4.28 41.21 -2.91
C LYS E 73 -3.88 42.48 -2.16
N ASP E 74 -2.64 42.93 -2.30
CA ASP E 74 -2.37 44.34 -2.06
C ASP E 74 -2.79 45.19 -3.25
N SER E 75 -2.45 44.78 -4.47
CA SER E 75 -2.81 45.53 -5.66
C SER E 75 -2.62 44.66 -6.90
N ARG E 76 -3.69 44.47 -7.67
CA ARG E 76 -3.60 43.78 -8.95
C ARG E 76 -2.84 44.58 -10.01
N GLU E 77 -2.81 45.90 -9.89
CA GLU E 77 -2.01 46.70 -10.81
C GLU E 77 -0.52 46.45 -10.63
N LYS E 78 -0.03 46.56 -9.40
CA LYS E 78 1.36 46.25 -9.12
C LYS E 78 1.69 44.78 -9.40
N TYR E 79 0.79 43.87 -9.02
CA TYR E 79 0.99 42.45 -9.28
C TYR E 79 1.14 42.14 -10.76
N GLN E 80 0.19 42.61 -11.59
CA GLN E 80 0.25 42.31 -13.02
C GLN E 80 1.48 42.92 -13.69
N ALA E 81 1.82 44.15 -13.33
CA ALA E 81 3.05 44.79 -13.81
C ALA E 81 4.29 44.00 -13.42
N LEU E 82 4.35 43.56 -12.17
CA LEU E 82 5.50 42.81 -11.67
C LEU E 82 5.69 41.48 -12.39
N ILE E 83 4.63 40.68 -12.51
CA ILE E 83 4.78 39.39 -13.19
C ILE E 83 5.10 39.56 -14.67
N GLY E 84 4.60 40.63 -15.29
CA GLY E 84 4.99 40.92 -16.66
C GLY E 84 6.46 41.24 -16.82
N ARG E 85 7.03 42.02 -15.89
CA ARG E 85 8.46 42.28 -15.91
C ARG E 85 9.29 41.01 -15.70
N LEU E 86 8.90 40.19 -14.75
CA LEU E 86 9.61 38.95 -14.47
C LEU E 86 9.33 37.88 -15.50
N GLY E 87 8.33 38.08 -16.35
CA GLY E 87 8.02 37.09 -17.36
C GLY E 87 7.31 35.87 -16.83
N ILE E 88 6.51 36.03 -15.79
CA ILE E 88 5.79 34.93 -15.16
C ILE E 88 4.35 34.97 -15.65
N ARG E 89 3.87 33.84 -16.14
CA ARG E 89 2.51 33.74 -16.65
C ARG E 89 1.49 33.66 -15.52
N GLU F 3 -21.91 16.92 52.40
CA GLU F 3 -22.29 17.75 51.28
C GLU F 3 -22.93 19.05 51.72
N ALA F 4 -22.88 20.06 50.86
CA ALA F 4 -23.81 21.17 50.98
C ALA F 4 -25.20 20.74 50.52
N PRO F 5 -26.22 20.86 51.38
CA PRO F 5 -27.53 20.33 51.01
C PRO F 5 -28.26 21.20 49.99
N ASP F 6 -28.95 20.52 49.07
CA ASP F 6 -29.62 21.14 47.92
C ASP F 6 -28.69 22.03 47.10
N VAL F 7 -27.51 21.51 46.80
CA VAL F 7 -26.60 22.13 45.84
C VAL F 7 -26.48 21.19 44.64
N LYS F 8 -26.46 21.77 43.46
CA LYS F 8 -26.31 21.06 42.20
C LYS F 8 -24.85 21.10 41.75
N PRO F 9 -24.30 19.98 41.27
CA PRO F 9 -22.88 19.97 40.91
C PRO F 9 -22.60 20.97 39.81
N TRP F 10 -21.60 21.82 40.04
CA TRP F 10 -21.47 23.07 39.32
C TRP F 10 -20.02 23.37 38.98
N LEU F 11 -19.86 24.32 38.07
CA LEU F 11 -18.56 24.70 37.54
C LEU F 11 -18.63 26.19 37.20
N PHE F 12 -17.50 26.88 37.24
CA PHE F 12 -17.51 28.28 36.83
C PHE F 12 -17.72 28.39 35.33
N LEU F 13 -18.71 29.18 34.94
CA LEU F 13 -19.06 29.40 33.55
C LEU F 13 -18.59 30.76 33.06
N ILE F 14 -18.53 30.91 31.75
CA ILE F 14 -18.26 32.19 31.11
C ILE F 14 -19.22 32.35 29.94
N LYS F 15 -19.69 33.58 29.73
CA LYS F 15 -20.48 33.89 28.55
C LYS F 15 -19.60 34.14 27.33
N PRO F 16 -19.79 33.41 26.24
CA PRO F 16 -19.02 33.69 25.02
C PRO F 16 -19.46 35.00 24.38
N TYR F 17 -18.46 35.80 23.97
CA TYR F 17 -18.77 37.02 23.23
C TYR F 17 -19.20 36.71 21.80
N GLU F 18 -19.81 37.73 21.18
CA GLU F 18 -20.54 37.54 19.93
C GLU F 18 -19.69 36.96 18.80
N GLY F 19 -18.39 37.25 18.78
CA GLY F 19 -17.54 36.69 17.75
C GLY F 19 -16.34 35.94 18.25
N GLU F 20 -16.32 35.64 19.55
CA GLU F 20 -15.13 35.08 20.19
C GLU F 20 -14.72 33.76 19.55
N SER F 21 -13.42 33.60 19.33
CA SER F 21 -12.86 32.37 18.79
C SER F 21 -12.80 31.28 19.85
N LEU F 22 -12.87 30.02 19.39
CA LEU F 22 -12.81 28.87 20.28
C LEU F 22 -11.53 28.85 21.12
N SER F 23 -10.38 29.18 20.51
CA SER F 23 -9.13 29.27 21.27
C SER F 23 -9.24 30.27 22.41
N HIS F 24 -9.75 31.47 22.12
CA HIS F 24 -9.91 32.47 23.17
C HIS F 24 -10.90 32.02 24.22
N PHE F 25 -12.02 31.42 23.81
CA PHE F 25 -13.04 30.98 24.74
C PHE F 25 -12.55 29.90 25.68
N LEU F 26 -11.94 28.85 25.13
CA LEU F 26 -11.39 27.80 25.98
C LEU F 26 -10.36 28.32 26.95
N GLY F 27 -9.52 29.25 26.52
CA GLY F 27 -8.57 29.88 27.42
C GLY F 27 -9.21 30.59 28.60
N ARG F 28 -10.28 31.35 28.35
CA ARG F 28 -11.01 31.97 29.45
C ARG F 28 -11.63 30.93 30.38
N PHE F 29 -12.29 29.92 29.80
CA PHE F 29 -12.90 28.88 30.62
C PHE F 29 -11.86 28.14 31.44
N ARG F 30 -10.70 27.87 30.87
CA ARG F 30 -9.61 27.25 31.61
C ARG F 30 -9.09 28.14 32.73
N ARG F 31 -8.90 29.43 32.48
CA ARG F 31 -8.48 30.34 33.53
C ARG F 31 -9.53 30.50 34.62
N ALA F 32 -10.81 30.57 34.24
CA ALA F 32 -11.89 30.63 35.22
C ALA F 32 -11.92 29.42 36.15
N ASN F 33 -11.38 28.28 35.71
CA ASN F 33 -11.35 27.07 36.51
C ASN F 33 -9.94 26.60 36.83
N HIS F 34 -8.93 27.43 36.60
CA HIS F 34 -7.52 27.06 36.71
C HIS F 34 -7.25 25.66 36.15
N LEU F 35 -7.75 25.42 34.94
CA LEU F 35 -7.52 24.16 34.24
C LEU F 35 -6.33 24.30 33.30
N SER F 36 -5.46 23.31 33.28
CA SER F 36 -4.53 23.16 32.18
C SER F 36 -5.25 22.67 30.92
N ALA F 37 -4.62 22.90 29.77
CA ALA F 37 -5.19 22.49 28.50
C ALA F 37 -5.42 20.98 28.45
N SER F 38 -4.45 20.21 28.96
CA SER F 38 -4.63 18.77 29.13
C SER F 38 -5.75 18.43 30.10
N GLY F 39 -5.91 19.26 31.14
CA GLY F 39 -6.96 19.02 32.12
C GLY F 39 -8.37 19.08 31.55
N LEU F 40 -8.66 20.15 30.79
CA LEU F 40 -9.96 20.24 30.12
C LEU F 40 -10.20 19.09 29.15
N GLY F 41 -9.17 18.67 28.41
CA GLY F 41 -9.34 17.54 27.52
C GLY F 41 -9.62 16.23 28.25
N THR F 42 -8.96 16.02 29.38
CA THR F 42 -9.29 14.88 30.24
C THR F 42 -10.68 15.01 30.84
N LEU F 43 -11.08 16.23 31.25
CA LEU F 43 -12.41 16.42 31.81
C LEU F 43 -13.50 16.15 30.78
N ALA F 44 -13.32 16.63 29.54
CA ALA F 44 -14.24 16.28 28.47
C ALA F 44 -14.02 14.88 27.90
N GLY F 45 -12.89 14.26 28.20
CA GLY F 45 -12.59 12.91 27.72
C GLY F 45 -12.01 12.84 26.33
N ILE F 46 -11.88 13.98 25.64
CA ILE F 46 -11.27 14.02 24.31
C ILE F 46 -9.75 14.09 24.35
N GLY F 47 -9.16 14.14 25.55
CA GLY F 47 -7.71 14.10 25.71
C GLY F 47 -6.99 15.32 25.16
N ALA F 48 -5.86 15.08 24.50
CA ALA F 48 -4.95 16.14 24.07
C ALA F 48 -5.51 17.03 22.97
N ILE F 49 -6.70 16.74 22.45
CA ILE F 49 -7.27 17.51 21.35
C ILE F 49 -7.43 18.99 21.67
N VAL F 50 -7.73 19.32 22.93
CA VAL F 50 -7.93 20.71 23.33
C VAL F 50 -6.69 21.57 23.09
N ALA F 51 -5.52 21.06 23.45
CA ALA F 51 -4.28 21.78 23.18
C ALA F 51 -4.05 22.01 21.70
N ARG F 52 -4.53 21.09 20.86
CA ARG F 52 -4.45 21.26 19.41
C ARG F 52 -5.41 22.33 18.90
N TRP F 53 -6.67 22.31 19.36
CA TRP F 53 -7.63 23.34 18.97
C TRP F 53 -7.21 24.74 19.40
N GLU F 54 -6.63 24.88 20.58
CA GLU F 54 -6.20 26.20 21.04
C GLU F 54 -5.13 26.84 20.15
N ARG F 55 -4.38 26.04 19.39
CA ARG F 55 -3.45 26.56 18.39
C ARG F 55 -4.06 26.72 17.01
N PHE F 56 -5.38 26.56 16.88
CA PHE F 56 -6.08 26.51 15.60
C PHE F 56 -5.56 25.43 14.66
N HIS F 57 -5.00 24.35 15.22
CA HIS F 57 -4.59 23.21 14.40
C HIS F 57 -5.80 22.31 14.18
N PHE F 58 -6.44 22.46 13.03
CA PHE F 58 -7.73 21.86 12.72
C PHE F 58 -7.62 20.84 11.59
N ASN F 59 -6.58 20.01 11.63
CA ASN F 59 -6.63 18.71 10.99
C ASN F 59 -6.83 17.64 12.04
N PRO F 60 -7.96 16.93 12.06
CA PRO F 60 -9.25 17.32 11.46
C PRO F 60 -9.90 18.51 12.18
N ARG F 61 -10.97 19.06 11.61
CA ARG F 61 -11.75 20.07 12.30
C ARG F 61 -12.37 19.49 13.57
N PRO F 62 -12.73 20.36 14.53
CA PRO F 62 -13.58 19.91 15.64
C PRO F 62 -14.84 19.18 15.20
N SER F 63 -14.91 17.89 15.47
CA SER F 63 -16.02 17.06 15.04
C SER F 63 -17.28 17.35 15.84
N GLN F 64 -18.41 16.88 15.32
CA GLN F 64 -19.67 16.88 16.06
C GLN F 64 -19.54 16.18 17.41
N GLN F 65 -18.86 15.03 17.43
CA GLN F 65 -18.67 14.30 18.67
C GLN F 65 -17.93 15.12 19.71
N GLU F 66 -16.81 15.73 19.32
CA GLU F 66 -15.98 16.44 20.28
C GLU F 66 -16.58 17.77 20.71
N LEU F 67 -17.26 18.48 19.82
CA LEU F 67 -17.96 19.70 20.24
C LEU F 67 -19.10 19.39 21.20
N GLU F 68 -19.84 18.32 20.94
CA GLU F 68 -20.86 17.85 21.90
C GLU F 68 -20.24 17.33 23.19
N ALA F 69 -19.02 16.81 23.14
CA ALA F 69 -18.32 16.45 24.38
C ALA F 69 -17.92 17.68 25.18
N ILE F 70 -17.35 18.68 24.51
CA ILE F 70 -17.00 19.93 25.19
C ILE F 70 -18.24 20.66 25.68
N ALA F 71 -19.32 20.61 24.91
CA ALA F 71 -20.62 21.12 25.34
C ALA F 71 -21.22 20.36 26.52
N SER F 72 -20.53 19.37 27.09
CA SER F 72 -20.95 18.76 28.34
C SER F 72 -20.29 19.36 29.56
N VAL F 73 -19.06 19.85 29.45
CA VAL F 73 -18.36 20.47 30.57
C VAL F 73 -18.49 21.99 30.54
N VAL F 74 -18.36 22.56 29.36
CA VAL F 74 -18.85 23.90 29.09
C VAL F 74 -20.35 23.82 28.84
N GLU F 75 -21.11 24.72 29.44
CA GLU F 75 -22.56 24.67 29.29
C GLU F 75 -23.03 25.36 28.01
N VAL F 76 -22.12 25.87 27.21
CA VAL F 76 -22.43 26.39 25.89
C VAL F 76 -22.74 25.23 24.95
N ASP F 77 -23.87 25.33 24.24
CA ASP F 77 -24.27 24.26 23.35
C ASP F 77 -23.38 24.19 22.11
N ALA F 78 -23.35 23.00 21.50
CA ALA F 78 -22.46 22.71 20.38
C ALA F 78 -22.75 23.55 19.15
N GLN F 79 -23.99 23.99 18.96
CA GLN F 79 -24.28 24.88 17.85
C GLN F 79 -23.62 26.25 18.05
N ARG F 80 -23.63 26.76 19.28
CA ARG F 80 -22.90 27.98 19.61
C ARG F 80 -21.39 27.78 19.60
N LEU F 81 -20.90 26.61 19.98
CA LEU F 81 -19.48 26.31 19.84
C LEU F 81 -19.04 26.27 18.37
N ALA F 82 -19.88 25.73 17.48
CA ALA F 82 -19.57 25.78 16.05
C ALA F 82 -19.51 27.21 15.51
N GLN F 83 -20.20 28.15 16.14
CA GLN F 83 -20.08 29.55 15.78
C GLN F 83 -18.80 30.21 16.28
N MET F 84 -17.99 29.49 17.04
CA MET F 84 -16.68 29.96 17.46
C MET F 84 -15.59 29.59 16.48
N LEU F 85 -15.96 29.01 15.34
CA LEU F 85 -15.08 28.43 14.35
C LEU F 85 -15.48 29.00 13.00
N PRO F 86 -14.60 28.92 12.00
CA PRO F 86 -15.00 29.26 10.64
C PRO F 86 -16.21 28.46 10.20
N PRO F 87 -17.18 29.10 9.54
CA PRO F 87 -18.25 28.35 8.89
C PRO F 87 -17.71 27.55 7.71
N ALA F 88 -18.51 26.56 7.29
CA ALA F 88 -18.10 25.60 6.29
C ALA F 88 -17.56 26.26 5.03
N GLY F 89 -16.35 25.83 4.62
CA GLY F 89 -15.72 26.34 3.43
C GLY F 89 -15.07 27.70 3.54
N VAL F 90 -15.14 28.36 4.69
CA VAL F 90 -14.37 29.57 4.92
C VAL F 90 -12.93 29.20 5.28
N GLY F 91 -11.99 29.51 4.39
CA GLY F 91 -10.59 29.26 4.67
C GLY F 91 -10.05 30.16 5.77
N MET F 92 -9.24 29.54 6.64
CA MET F 92 -8.68 30.27 7.79
C MET F 92 -7.17 30.02 7.87
N GLN F 93 -6.42 30.92 8.51
CA GLN F 93 -4.97 30.67 8.74
C GLN F 93 -4.70 30.66 10.26
N HIS F 94 -3.95 29.67 10.74
CA HIS F 94 -3.71 29.51 12.20
C HIS F 94 -2.50 30.30 12.69
N GLU F 95 -1.45 30.41 11.89
CA GLU F 95 -0.15 30.94 12.41
C GLU F 95 -0.21 32.45 12.61
N PRO F 96 -0.33 33.32 11.60
CA PRO F 96 -0.31 34.74 11.89
C PRO F 96 -1.58 35.01 12.74
N ILE F 97 -1.46 35.15 14.07
CA ILE F 97 -2.62 35.54 14.93
C ILE F 97 -2.82 37.05 14.76
N ARG F 98 -4.07 37.53 14.63
CA ARG F 98 -4.33 38.91 14.26
C ARG F 98 -5.31 39.55 15.23
N LEU F 99 -5.35 40.88 15.22
CA LEU F 99 -6.05 41.65 16.25
C LEU F 99 -6.49 42.99 15.70
N CYS F 100 -7.70 43.43 16.05
CA CYS F 100 -8.13 44.78 15.70
C CYS F 100 -7.84 45.83 16.77
N GLY F 101 -7.69 45.46 18.04
CA GLY F 101 -7.36 46.47 19.02
C GLY F 101 -8.48 47.44 19.37
N ALA F 102 -9.04 48.11 18.38
CA ALA F 102 -10.25 48.91 18.59
C ALA F 102 -11.45 48.04 18.94
N CYS F 103 -11.52 46.80 18.44
CA CYS F 103 -12.50 45.85 18.96
C CYS F 103 -12.16 45.41 20.38
N TYR F 104 -10.88 45.22 20.68
CA TYR F 104 -10.50 44.73 22.00
C TYR F 104 -10.80 45.75 23.09
N ALA F 105 -10.79 47.04 22.75
CA ALA F 105 -11.23 48.07 23.69
C ALA F 105 -12.73 48.03 23.96
N GLU F 106 -13.51 47.43 23.06
CA GLU F 106 -14.94 47.29 23.23
C GLU F 106 -15.33 45.93 23.79
N SER F 107 -14.59 44.89 23.46
CA SER F 107 -14.88 43.53 23.88
C SER F 107 -13.56 42.75 23.93
N PRO F 108 -13.13 42.35 25.12
CA PRO F 108 -11.80 41.75 25.29
C PRO F 108 -11.73 40.29 24.83
N CYS F 109 -11.93 40.09 23.53
CA CYS F 109 -11.80 38.76 22.96
C CYS F 109 -11.11 38.84 21.61
N HIS F 110 -10.42 37.76 21.26
CA HIS F 110 -10.05 37.50 19.89
C HIS F 110 -11.24 37.02 19.09
N ARG F 111 -11.40 37.56 17.88
CA ARG F 111 -12.49 37.20 17.00
C ARG F 111 -11.98 36.23 15.93
N ILE F 112 -12.69 35.12 15.75
CA ILE F 112 -12.24 34.09 14.80
C ILE F 112 -12.15 34.64 13.37
N GLU F 113 -12.98 35.63 13.02
CA GLU F 113 -12.90 36.23 11.70
C GLU F 113 -11.57 36.93 11.42
N TRP F 114 -10.83 37.35 12.46
CA TRP F 114 -9.50 37.90 12.26
C TRP F 114 -8.52 36.88 11.69
N GLN F 115 -8.84 35.60 11.77
CA GLN F 115 -8.02 34.56 11.17
C GLN F 115 -8.46 34.14 9.77
N TYR F 116 -9.57 34.67 9.25
CA TYR F 116 -10.00 34.31 7.91
C TYR F 116 -9.05 34.86 6.85
N LYS F 117 -8.78 34.03 5.85
CA LYS F 117 -7.97 34.42 4.70
C LYS F 117 -8.60 35.51 3.85
N SER F 118 -9.88 35.80 4.03
CA SER F 118 -10.56 36.87 3.31
C SER F 118 -10.61 38.18 4.06
N VAL F 119 -10.17 38.22 5.31
CA VAL F 119 -10.33 39.38 6.18
C VAL F 119 -9.00 40.09 6.30
N TRP F 120 -9.03 41.40 6.17
CA TRP F 120 -7.86 42.26 6.31
C TRP F 120 -8.16 43.61 6.96
N LYS F 121 -9.39 44.12 6.87
CA LYS F 121 -9.81 45.31 7.58
C LYS F 121 -10.94 44.98 8.53
N CYS F 122 -11.03 45.73 9.63
CA CYS F 122 -12.25 45.80 10.42
C CYS F 122 -13.21 46.80 9.79
N ASP F 123 -14.35 46.32 9.29
CA ASP F 123 -15.32 47.24 8.68
C ASP F 123 -15.96 48.15 9.72
N ARG F 124 -16.14 47.65 10.94
CA ARG F 124 -16.70 48.47 12.01
C ARG F 124 -15.84 49.69 12.31
N HIS F 125 -14.54 49.48 12.48
CA HIS F 125 -13.61 50.55 12.83
C HIS F 125 -12.92 51.16 11.61
N GLN F 126 -12.99 50.51 10.46
CA GLN F 126 -12.25 50.91 9.25
C GLN F 126 -10.74 50.97 9.51
N LEU F 127 -10.22 49.94 10.17
CA LEU F 127 -8.80 49.83 10.46
C LEU F 127 -8.28 48.53 9.88
N LYS F 128 -7.05 48.57 9.37
CA LYS F 128 -6.30 47.37 9.02
C LYS F 128 -5.95 46.60 10.29
N ILE F 129 -6.39 45.35 10.38
CA ILE F 129 -6.11 44.56 11.58
C ILE F 129 -4.62 44.23 11.65
N LEU F 130 -4.10 44.22 12.88
CA LEU F 130 -2.69 43.96 13.15
C LEU F 130 -2.37 42.47 13.05
N ALA F 131 -1.15 42.18 12.61
CA ALA F 131 -0.64 40.80 12.63
C ALA F 131 0.59 40.65 13.51
N LYS F 132 1.01 41.71 14.20
CA LYS F 132 2.02 41.68 15.23
C LYS F 132 1.88 42.97 16.02
N CYS F 133 2.50 42.99 17.19
CA CYS F 133 2.50 44.20 18.01
C CYS F 133 3.08 45.38 17.25
N PRO F 134 2.35 46.48 17.10
CA PRO F 134 2.87 47.61 16.31
C PRO F 134 3.96 48.38 17.03
N ASN F 135 4.03 48.31 18.36
CA ASN F 135 5.07 48.99 19.11
C ASN F 135 6.41 48.25 19.04
N CYS F 136 6.40 46.93 19.24
CA CYS F 136 7.66 46.20 19.38
C CYS F 136 7.79 45.04 18.40
N GLN F 137 6.82 44.83 17.51
CA GLN F 137 6.84 43.83 16.45
C GLN F 137 6.82 42.39 16.94
N ALA F 138 6.56 42.15 18.22
CA ALA F 138 6.38 40.78 18.70
C ALA F 138 5.07 40.21 18.16
N PRO F 139 5.06 38.99 17.63
CA PRO F 139 3.80 38.36 17.24
C PRO F 139 2.94 38.02 18.44
N PHE F 140 1.63 38.11 18.24
CA PHE F 140 0.68 37.78 19.30
C PHE F 140 0.68 36.28 19.59
N LYS F 141 0.52 35.94 20.87
CA LYS F 141 0.38 34.57 21.30
C LYS F 141 -1.00 34.01 20.95
N MET F 142 -1.12 32.69 21.05
CA MET F 142 -2.40 32.04 20.77
C MET F 142 -3.50 32.64 21.64
N PRO F 143 -4.70 32.84 21.11
CA PRO F 143 -5.74 33.56 21.86
C PRO F 143 -6.11 32.93 23.20
N ALA F 144 -5.82 31.64 23.41
CA ALA F 144 -5.98 31.03 24.72
C ALA F 144 -5.10 31.68 25.78
N LEU F 145 -4.00 32.30 25.38
CA LEU F 145 -3.03 32.85 26.31
C LEU F 145 -3.15 34.35 26.51
N TRP F 146 -4.14 34.99 25.89
CA TRP F 146 -4.41 36.40 26.12
C TRP F 146 -5.03 36.65 27.49
N GLU F 147 -4.30 36.33 28.56
CA GLU F 147 -4.79 36.66 29.91
C GLU F 147 -4.69 38.14 30.19
N ASP F 148 -3.52 38.74 29.92
CA ASP F 148 -3.26 40.10 30.34
C ASP F 148 -3.94 41.15 29.48
N GLY F 149 -4.31 40.81 28.25
CA GLY F 149 -4.81 41.81 27.33
C GLY F 149 -3.78 42.82 26.88
N CYS F 150 -2.51 42.44 26.87
CA CYS F 150 -1.42 43.31 26.47
C CYS F 150 -0.38 42.48 25.74
N CYS F 151 0.49 43.16 25.00
CA CYS F 151 1.65 42.51 24.41
C CYS F 151 2.54 41.92 25.49
N HIS F 152 2.92 40.65 25.30
CA HIS F 152 3.73 39.96 26.30
C HIS F 152 5.17 40.48 26.38
N ARG F 153 5.65 41.18 25.35
CA ARG F 153 7.00 41.71 25.39
C ARG F 153 7.06 43.12 25.99
N CYS F 154 6.40 44.08 25.36
CA CYS F 154 6.51 45.49 25.75
C CYS F 154 5.35 45.93 26.65
N ARG F 155 4.43 45.03 26.96
CA ARG F 155 3.30 45.24 27.86
C ARG F 155 2.34 46.34 27.40
N MET F 156 2.44 46.78 26.14
CA MET F 156 1.43 47.69 25.60
C MET F 156 0.07 47.01 25.56
N PRO F 157 -0.96 47.60 26.17
CA PRO F 157 -2.30 47.00 26.09
C PRO F 157 -2.85 47.02 24.67
N PHE F 158 -3.61 45.98 24.34
CA PHE F 158 -4.19 45.86 23.02
C PHE F 158 -5.13 47.02 22.69
N ALA F 159 -5.80 47.59 23.71
CA ALA F 159 -6.64 48.76 23.50
C ALA F 159 -5.87 49.99 23.05
N GLU F 160 -4.62 50.13 23.47
CA GLU F 160 -3.80 51.24 23.00
C GLU F 160 -3.28 51.03 21.57
N MET F 161 -3.09 49.78 21.15
CA MET F 161 -2.66 49.50 19.79
C MET F 161 -3.70 49.87 18.73
N ALA F 162 -4.91 50.23 19.14
CA ALA F 162 -5.91 50.79 18.22
C ALA F 162 -5.42 52.05 17.51
N LYS F 163 -4.72 52.93 18.21
CA LYS F 163 -4.24 54.15 17.56
C LYS F 163 -2.99 53.91 16.71
N LEU F 164 -2.48 52.69 16.68
CA LEU F 164 -1.34 52.30 15.86
C LEU F 164 -1.79 51.38 14.72
N GLN F 165 -2.95 51.66 14.14
CA GLN F 165 -3.48 50.84 13.07
C GLN F 165 -3.80 51.67 11.83
N LYS F 166 -3.86 50.96 10.71
CA LYS F 166 -4.05 51.50 9.37
C LYS F 166 -2.88 52.40 9.00
MG MG G . 1.99 31.95 6.26
ZN ZN H . 4.89 44.72 21.96
ZN ZN I . -12.53 46.47 15.03
#